data_7M56
#
_entry.id   7M56
#
_cell.length_a   62.067
_cell.length_b   109.564
_cell.length_c   146.436
_cell.angle_alpha   90.000
_cell.angle_beta   90.000
_cell.angle_gamma   90.000
#
_symmetry.space_group_name_H-M   'P 21 21 21'
#
loop_
_entity.id
_entity.type
_entity.pdbx_description
1 polymer 'Nitric oxide synthase, endothelial'
2 non-polymer 'PROTOPORPHYRIN IX CONTAINING FE'
3 non-polymer 5,6,7,8-TETRAHYDROBIOPTERIN
4 non-polymer 7-({3-[2-(6-aminopyridin-2-yl)ethyl]phenoxy}methyl)quinolin-2-amine
5 non-polymer 'ACETATE ION'
6 non-polymer 2-[BIS-(2-HYDROXY-ETHYL)-AMINO]-2-HYDROXYMETHYL-PROPANE-1,3-DIOL
7 non-polymer 'ZINC ION'
8 non-polymer GLYCEROL
9 non-polymer 'GADOLINIUM ATOM'
10 water water
#
_entity_poly.entity_id   1
_entity_poly.type   'polypeptide(L)'
_entity_poly.pdbx_seq_one_letter_code
;APASLLPPAPEHSPPSSPLTQPPEGPKFPRVKNWEVGSITYDTLSAQAQQDGPCTPRRCLGSLVFPRKLQGRPSPGPPAP
EQLLSQARDFINQYYSSIKRSGSQAHEQRLQEVEAEVAATGTYQLRESELVFGAKQAWRNAPRCVGRIQWGKLQVFDARD
CRSAQEMFTYICNHIKYATNRGNLRSAITVFPQRCPGRGDFRIWNSQLVRYAGYRQQDGSVRGDPANVEITELCIQHGWT
PGNGRFDVLPLLLQAPDEPPELFLLPPELVLEVPLEHPTLEWFAALGLRWYALPAVSNMLLEIGGLEFPAAPFSGWYMST
EIGTRNLCDPHRYNILEDVAVCMDLDTRTTSSLWKDKAAVEINVAVLHSYQLAKVTIVDHHAATASFMKHLENEQKARGG
CPADWAWIVPPISGSLTPVFHQEMVNYFLSPAFRYQPDPW
;
_entity_poly.pdbx_strand_id   A,B
#
loop_
_chem_comp.id
_chem_comp.type
_chem_comp.name
_chem_comp.formula
ACT non-polymer 'ACETATE ION' 'C2 H3 O2 -1'
BTB non-polymer 2-[BIS-(2-HYDROXY-ETHYL)-AMINO]-2-HYDROXYMETHYL-PROPANE-1,3-DIOL 'C8 H19 N O5'
GD non-polymer 'GADOLINIUM ATOM' Gd
GOL non-polymer GLYCEROL 'C3 H8 O3'
H4B non-polymer 5,6,7,8-TETRAHYDROBIOPTERIN 'C9 H15 N5 O3'
HEM non-polymer 'PROTOPORPHYRIN IX CONTAINING FE' 'C34 H32 Fe N4 O4'
V5G non-polymer 7-({3-[2-(6-aminopyridin-2-yl)ethyl]phenoxy}methyl)quinolin-2-amine 'C23 H22 N4 O'
ZN non-polymer 'ZINC ION' 'Zn 2'
#
# COMPACT_ATOMS: atom_id res chain seq x y z
N PHE A 28 6.35 -21.33 -7.69
CA PHE A 28 6.63 -20.05 -8.33
C PHE A 28 5.39 -19.15 -8.37
N PRO A 29 5.46 -18.03 -7.66
CA PRO A 29 4.29 -17.14 -7.61
C PRO A 29 3.91 -16.60 -8.99
N ARG A 30 2.62 -16.65 -9.28
CA ARG A 30 2.02 -15.97 -10.42
C ARG A 30 1.76 -14.50 -10.07
N VAL A 31 2.21 -13.59 -10.94
CA VAL A 31 2.16 -12.15 -10.70
C VAL A 31 1.40 -11.52 -11.85
N LYS A 32 0.33 -10.81 -11.54
CA LYS A 32 -0.52 -10.24 -12.57
C LYS A 32 -0.44 -8.72 -12.54
N ASN A 33 -0.48 -8.12 -13.72
CA ASN A 33 -0.72 -6.69 -13.87
C ASN A 33 -2.19 -6.51 -14.22
N TRP A 34 -2.94 -5.84 -13.34
CA TRP A 34 -4.39 -5.76 -13.51
C TRP A 34 -4.83 -4.68 -14.47
N GLU A 35 -3.93 -3.80 -14.88
CA GLU A 35 -4.27 -2.80 -15.90
C GLU A 35 -4.27 -3.43 -17.29
N VAL A 36 -3.27 -4.26 -17.55
CA VAL A 36 -3.05 -4.85 -18.87
C VAL A 36 -3.48 -6.32 -18.94
N GLY A 37 -3.56 -7.02 -17.82
CA GLY A 37 -3.89 -8.42 -17.80
C GLY A 37 -2.72 -9.36 -17.98
N SER A 38 -1.49 -8.85 -18.02
CA SER A 38 -0.34 -9.70 -18.31
C SER A 38 0.10 -10.45 -17.05
N ILE A 39 0.64 -11.65 -17.29
CA ILE A 39 1.01 -12.59 -16.24
C ILE A 39 2.47 -12.96 -16.42
N THR A 40 3.23 -12.88 -15.33
CA THR A 40 4.58 -13.45 -15.25
C THR A 40 4.62 -14.37 -14.03
N TYR A 41 5.69 -15.18 -13.95
CA TYR A 41 5.94 -16.04 -12.80
C TYR A 41 7.28 -15.67 -12.20
N ASP A 42 7.32 -15.48 -10.87
CA ASP A 42 8.59 -15.11 -10.23
C ASP A 42 9.39 -16.38 -9.92
N THR A 43 10.43 -16.62 -10.71
CA THR A 43 11.32 -17.73 -10.42
C THR A 43 12.50 -17.32 -9.55
N LEU A 44 12.73 -16.02 -9.39
CA LEU A 44 13.87 -15.53 -8.61
C LEU A 44 13.63 -15.67 -7.12
N SER A 45 12.37 -15.61 -6.68
CA SER A 45 12.08 -15.70 -5.24
C SER A 45 12.56 -17.01 -4.63
N ALA A 46 12.73 -18.07 -5.44
CA ALA A 46 13.25 -19.33 -4.91
C ALA A 46 14.66 -19.18 -4.36
N GLN A 47 15.45 -18.28 -4.95
CA GLN A 47 16.69 -17.85 -4.33
C GLN A 47 16.36 -16.94 -3.16
N GLN A 49 17.15 -16.16 0.26
CA GLN A 49 18.12 -16.82 1.15
C GLN A 49 17.91 -16.41 2.61
N GLN A 50 17.09 -15.38 2.83
CA GLN A 50 16.74 -14.93 4.16
C GLN A 50 15.22 -14.96 4.31
N ASP A 51 14.76 -14.83 5.56
CA ASP A 51 13.35 -14.98 5.88
C ASP A 51 12.78 -13.66 6.36
N GLY A 52 11.60 -13.30 5.84
CA GLY A 52 10.91 -12.12 6.27
C GLY A 52 9.92 -12.44 7.37
N PRO A 53 9.02 -11.50 7.66
CA PRO A 53 8.17 -11.62 8.85
C PRO A 53 6.86 -12.35 8.67
N CYS A 54 6.50 -12.71 7.44
CA CYS A 54 5.19 -13.31 7.15
C CYS A 54 5.20 -14.81 7.40
N THR A 55 4.02 -15.34 7.74
CA THR A 55 3.78 -16.78 7.81
C THR A 55 2.46 -17.08 7.11
N PRO A 56 2.12 -18.35 6.89
CA PRO A 56 0.80 -18.66 6.34
C PRO A 56 -0.35 -18.14 7.17
N ARG A 57 -0.16 -17.92 8.48
CA ARG A 57 -1.27 -17.48 9.31
C ARG A 57 -1.50 -15.96 9.27
N ARG A 58 -0.45 -15.15 9.06
CA ARG A 58 -0.68 -13.71 9.03
C ARG A 58 0.44 -13.00 8.29
N CYS A 59 0.04 -12.01 7.50
CA CYS A 59 0.97 -11.22 6.71
C CYS A 59 1.39 -9.99 7.49
N LEU A 60 2.70 -9.81 7.65
CA LEU A 60 3.29 -8.63 8.29
C LEU A 60 4.04 -7.78 7.28
N GLY A 61 3.62 -7.83 6.01
CA GLY A 61 4.35 -7.15 4.97
C GLY A 61 4.36 -5.65 5.12
N SER A 62 3.46 -5.09 5.93
CA SER A 62 3.37 -3.65 6.09
C SER A 62 4.27 -3.11 7.19
N LEU A 63 4.98 -3.98 7.90
CA LEU A 63 5.84 -3.49 8.97
C LEU A 63 7.04 -2.77 8.37
N VAL A 64 7.46 -1.70 9.05
CA VAL A 64 8.60 -0.91 8.59
C VAL A 64 9.90 -1.67 8.82
N PHE A 65 10.13 -2.13 10.06
CA PHE A 65 11.30 -2.94 10.39
C PHE A 65 10.84 -4.37 10.65
N PRO A 66 10.96 -5.29 9.68
CA PRO A 66 10.52 -6.68 9.90
C PRO A 66 11.24 -7.37 11.07
N ALA A 79 29.23 -18.91 12.26
CA ALA A 79 30.43 -19.71 12.05
C ALA A 79 31.28 -19.15 10.90
N PRO A 80 32.51 -19.65 10.73
CA PRO A 80 33.18 -19.49 9.44
C PRO A 80 32.49 -20.24 8.32
N GLU A 81 31.74 -21.30 8.66
CA GLU A 81 31.01 -22.07 7.67
C GLU A 81 29.93 -21.22 7.00
N GLN A 82 29.21 -20.42 7.80
CA GLN A 82 28.18 -19.54 7.25
C GLN A 82 28.78 -18.44 6.37
N LEU A 83 29.95 -17.92 6.77
CA LEU A 83 30.58 -16.86 5.98
C LEU A 83 30.98 -17.38 4.60
N LEU A 84 31.60 -18.56 4.55
CA LEU A 84 32.04 -19.14 3.29
C LEU A 84 30.87 -19.44 2.35
N SER A 85 29.76 -19.90 2.90
CA SER A 85 28.57 -20.14 2.08
C SER A 85 28.11 -18.86 1.39
N GLN A 86 28.00 -17.78 2.15
CA GLN A 86 27.61 -16.51 1.55
C GLN A 86 28.71 -15.97 0.63
N ALA A 87 29.98 -16.15 1.01
CA ALA A 87 31.08 -15.72 0.15
C ALA A 87 31.05 -16.45 -1.18
N ARG A 88 30.85 -17.77 -1.12
CA ARG A 88 30.85 -18.61 -2.32
C ARG A 88 29.72 -18.19 -3.26
N ASP A 89 28.51 -18.00 -2.71
CA ASP A 89 27.39 -17.51 -3.49
C ASP A 89 27.72 -16.17 -4.16
N PHE A 90 28.33 -15.25 -3.44
CA PHE A 90 28.60 -13.95 -4.04
C PHE A 90 29.63 -14.06 -5.15
N ILE A 91 30.71 -14.81 -4.91
CA ILE A 91 31.74 -14.96 -5.94
C ILE A 91 31.14 -15.62 -7.18
N ASN A 92 30.26 -16.62 -7.00
CA ASN A 92 29.55 -17.21 -8.13
C ASN A 92 28.75 -16.16 -8.91
N GLN A 93 28.06 -15.25 -8.20
CA GLN A 93 27.29 -14.21 -8.90
C GLN A 93 28.23 -13.32 -9.70
N TYR A 94 29.40 -12.98 -9.14
CA TYR A 94 30.34 -12.10 -9.81
C TYR A 94 30.91 -12.74 -11.06
N TYR A 95 31.34 -14.01 -10.99
CA TYR A 95 31.88 -14.65 -12.18
C TYR A 95 30.81 -14.88 -13.24
N SER A 96 29.54 -14.97 -12.85
CA SER A 96 28.48 -14.98 -13.85
CA SER A 96 28.46 -14.97 -13.83
C SER A 96 28.37 -13.62 -14.53
N SER A 97 28.41 -12.53 -13.78
CA SER A 97 28.21 -11.21 -14.38
C SER A 97 29.31 -10.86 -15.39
N ILE A 98 30.54 -11.32 -15.17
CA ILE A 98 31.62 -11.05 -16.11
C ILE A 98 31.79 -12.19 -17.12
N LYS A 99 30.80 -13.11 -17.18
CA LYS A 99 30.74 -14.17 -18.19
C LYS A 99 31.96 -15.10 -18.14
N ARG A 100 32.38 -15.47 -16.92
CA ARG A 100 33.50 -16.40 -16.74
C ARG A 100 33.15 -17.50 -15.75
N SER A 101 31.89 -17.95 -15.74
CA SER A 101 31.48 -18.98 -14.80
C SER A 101 32.15 -20.31 -15.12
N GLY A 102 32.44 -21.06 -14.06
CA GLY A 102 33.16 -22.31 -14.20
C GLY A 102 34.57 -22.19 -14.72
N SER A 103 35.03 -20.98 -15.04
CA SER A 103 36.37 -20.80 -15.59
C SER A 103 37.42 -21.10 -14.52
N GLN A 104 38.67 -21.16 -14.98
CA GLN A 104 39.80 -21.34 -14.07
C GLN A 104 39.90 -20.19 -13.07
N ALA A 105 39.77 -18.95 -13.54
CA ALA A 105 39.82 -17.81 -12.63
C ALA A 105 38.74 -17.91 -11.58
N HIS A 106 37.57 -18.42 -11.95
CA HIS A 106 36.47 -18.58 -11.00
C HIS A 106 36.85 -19.56 -9.89
N GLU A 107 37.40 -20.72 -10.25
CA GLU A 107 37.75 -21.73 -9.25
C GLU A 107 38.87 -21.25 -8.36
N GLN A 108 39.86 -20.56 -8.94
CA GLN A 108 40.96 -20.05 -8.15
C GLN A 108 40.52 -18.95 -7.17
N ARG A 109 39.52 -18.14 -7.55
CA ARG A 109 39.06 -17.12 -6.62
C ARG A 109 38.30 -17.75 -5.45
N LEU A 110 37.50 -18.79 -5.72
CA LEU A 110 36.83 -19.50 -4.63
C LEU A 110 37.84 -20.13 -3.67
N GLN A 111 38.86 -20.80 -4.21
CA GLN A 111 39.89 -21.36 -3.35
C GLN A 111 40.63 -20.26 -2.56
N GLU A 112 40.87 -19.12 -3.21
CA GLU A 112 41.54 -18.01 -2.55
C GLU A 112 40.73 -17.47 -1.38
N VAL A 113 39.42 -17.33 -1.56
CA VAL A 113 38.58 -16.85 -0.46
C VAL A 113 38.56 -17.88 0.67
N GLU A 114 38.47 -19.18 0.34
CA GLU A 114 38.53 -20.22 1.38
C GLU A 114 39.82 -20.12 2.17
N ALA A 115 40.95 -19.96 1.48
CA ALA A 115 42.23 -19.89 2.15
C ALA A 115 42.31 -18.67 3.06
N GLU A 116 41.78 -17.53 2.61
CA GLU A 116 41.85 -16.33 3.43
C GLU A 116 40.96 -16.46 4.66
N VAL A 117 39.76 -17.01 4.51
CA VAL A 117 38.89 -17.22 5.67
C VAL A 117 39.51 -18.19 6.64
N ALA A 118 40.24 -19.19 6.16
CA ALA A 118 40.86 -20.13 7.08
C ALA A 118 42.01 -19.48 7.84
N ALA A 119 42.76 -18.58 7.19
CA ALA A 119 43.91 -18.00 7.86
C ALA A 119 43.53 -16.80 8.72
N THR A 120 42.45 -16.09 8.38
CA THR A 120 42.13 -14.82 9.03
C THR A 120 40.74 -14.70 9.62
N GLY A 121 39.84 -15.64 9.34
CA GLY A 121 38.47 -15.53 9.80
C GLY A 121 37.59 -14.66 8.92
N THR A 122 38.17 -13.97 7.94
CA THR A 122 37.44 -13.08 7.06
C THR A 122 38.15 -13.10 5.72
N TYR A 123 37.66 -12.30 4.76
CA TYR A 123 38.38 -12.16 3.50
C TYR A 123 38.16 -10.75 2.96
N GLN A 124 38.85 -10.45 1.87
CA GLN A 124 38.92 -9.10 1.31
C GLN A 124 38.38 -9.12 -0.11
N LEU A 125 37.46 -8.21 -0.43
CA LEU A 125 36.94 -8.14 -1.78
C LEU A 125 37.93 -7.46 -2.73
N ARG A 126 37.99 -7.95 -3.96
CA ARG A 126 38.69 -7.18 -4.98
C ARG A 126 37.88 -5.92 -5.28
N GLU A 127 38.55 -4.89 -5.79
CA GLU A 127 37.87 -3.64 -6.07
C GLU A 127 36.69 -3.84 -7.02
N SER A 128 36.88 -4.60 -8.10
CA SER A 128 35.78 -4.81 -9.04
C SER A 128 34.66 -5.64 -8.41
N GLU A 129 34.99 -6.53 -7.47
CA GLU A 129 33.94 -7.26 -6.76
C GLU A 129 33.10 -6.32 -5.89
N LEU A 130 33.76 -5.38 -5.20
CA LEU A 130 33.05 -4.38 -4.40
C LEU A 130 32.07 -3.59 -5.25
N VAL A 131 32.55 -3.10 -6.40
CA VAL A 131 31.69 -2.32 -7.31
C VAL A 131 30.48 -3.15 -7.74
N PHE A 132 30.73 -4.36 -8.24
CA PHE A 132 29.63 -5.24 -8.61
C PHE A 132 28.71 -5.50 -7.42
N GLY A 133 29.28 -5.69 -6.23
CA GLY A 133 28.47 -5.98 -5.07
C GLY A 133 27.60 -4.79 -4.64
N ALA A 134 28.15 -3.58 -4.67
CA ALA A 134 27.37 -2.40 -4.34
C ALA A 134 26.21 -2.23 -5.32
N LYS A 135 26.46 -2.47 -6.61
CA LYS A 135 25.38 -2.36 -7.59
C LYS A 135 24.30 -3.42 -7.37
N GLN A 136 24.69 -4.65 -7.00
CA GLN A 136 23.70 -5.67 -6.74
C GLN A 136 22.85 -5.32 -5.54
N ALA A 137 23.45 -4.72 -4.50
CA ALA A 137 22.69 -4.37 -3.30
C ALA A 137 21.61 -3.34 -3.62
N TRP A 138 21.90 -2.43 -4.53
CA TRP A 138 20.89 -1.48 -4.98
C TRP A 138 19.82 -2.19 -5.81
N ARG A 139 20.25 -2.95 -6.82
CA ARG A 139 19.32 -3.73 -7.64
C ARG A 139 18.36 -4.58 -6.81
N ASN A 140 18.85 -5.12 -5.69
CA ASN A 140 18.07 -6.02 -4.85
C ASN A 140 17.17 -5.31 -3.84
N ALA A 141 17.24 -3.98 -3.71
CA ALA A 141 16.52 -3.31 -2.63
C ALA A 141 15.04 -3.23 -2.94
N PRO A 142 14.16 -3.94 -2.20
CA PRO A 142 12.74 -4.02 -2.59
C PRO A 142 11.97 -2.70 -2.49
N ARG A 143 12.40 -1.78 -1.66
CA ARG A 143 11.63 -0.56 -1.43
C ARG A 143 12.08 0.60 -2.30
N CYS A 144 13.05 0.40 -3.20
CA CYS A 144 13.59 1.48 -4.03
C CYS A 144 12.90 1.51 -5.40
N VAL A 145 12.21 2.61 -5.69
CA VAL A 145 11.54 2.79 -6.98
C VAL A 145 12.50 3.24 -8.06
N GLY A 146 13.72 3.61 -7.69
CA GLY A 146 14.62 4.22 -8.67
C GLY A 146 15.58 3.24 -9.33
N ARG A 147 15.30 1.95 -9.20
CA ARG A 147 16.26 0.91 -9.57
C ARG A 147 16.46 0.74 -11.07
N ILE A 148 15.75 1.48 -11.94
CA ILE A 148 16.17 1.49 -13.33
C ILE A 148 17.62 1.97 -13.45
N GLN A 149 18.11 2.71 -12.46
CA GLN A 149 19.43 3.33 -12.49
C GLN A 149 20.55 2.43 -11.92
N TRP A 150 20.25 1.19 -11.55
CA TRP A 150 21.14 0.42 -10.67
C TRP A 150 22.50 0.16 -11.29
N GLY A 151 22.58 0.11 -12.62
CA GLY A 151 23.88 -0.18 -13.21
C GLY A 151 24.78 1.03 -13.35
N LYS A 152 24.26 2.22 -13.06
CA LYS A 152 25.01 3.47 -13.18
C LYS A 152 25.22 3.95 -11.74
N LEU A 153 26.35 3.55 -11.17
CA LEU A 153 26.63 3.83 -9.77
C LEU A 153 28.13 4.03 -9.63
N GLN A 154 28.54 5.21 -9.16
CA GLN A 154 29.95 5.49 -8.95
C GLN A 154 30.31 5.01 -7.57
N VAL A 155 31.30 4.14 -7.48
CA VAL A 155 31.70 3.55 -6.20
C VAL A 155 33.02 4.14 -5.80
N PHE A 156 33.07 4.73 -4.61
CA PHE A 156 34.32 5.23 -4.05
C PHE A 156 34.81 4.26 -2.99
N ASP A 157 35.99 3.71 -3.21
CA ASP A 157 36.55 2.70 -2.34
C ASP A 157 37.32 3.40 -1.22
N ALA A 158 36.79 3.37 -0.01
CA ALA A 158 37.41 4.03 1.14
C ALA A 158 37.84 3.00 2.20
N ARG A 159 38.09 1.76 1.80
CA ARG A 159 38.41 0.71 2.77
C ARG A 159 39.78 0.89 3.42
N ASP A 160 40.59 1.81 2.92
CA ASP A 160 41.85 2.19 3.54
C ASP A 160 41.69 3.30 4.58
N CYS A 161 40.46 3.77 4.80
CA CYS A 161 40.25 4.89 5.70
C CYS A 161 40.69 4.51 7.12
N ARG A 162 41.40 5.43 7.76
CA ARG A 162 41.92 5.16 9.10
C ARG A 162 41.31 6.01 10.21
N SER A 163 40.93 7.25 9.96
CA SER A 163 40.53 8.16 11.03
C SER A 163 39.20 8.83 10.68
N ALA A 164 38.61 9.51 11.68
CA ALA A 164 37.40 10.27 11.39
C ALA A 164 37.71 11.45 10.47
N GLN A 165 38.91 12.02 10.58
CA GLN A 165 39.25 13.14 9.70
C GLN A 165 39.32 12.69 8.26
N GLU A 166 39.96 11.53 8.01
CA GLU A 166 39.94 10.93 6.68
C GLU A 166 38.53 10.58 6.24
N MET A 167 37.70 10.11 7.17
CA MET A 167 36.31 9.85 6.85
C MET A 167 35.62 11.11 6.37
N PHE A 168 35.86 12.23 7.05
CA PHE A 168 35.27 13.52 6.64
C PHE A 168 35.70 13.91 5.24
N THR A 169 36.99 13.77 4.94
CA THR A 169 37.52 14.04 3.60
C THR A 169 36.81 13.21 2.54
N TYR A 170 36.69 11.89 2.78
CA TYR A 170 36.00 11.04 1.82
C TYR A 170 34.56 11.46 1.61
N ILE A 171 33.88 11.85 2.70
CA ILE A 171 32.49 12.27 2.60
C ILE A 171 32.38 13.57 1.82
N CYS A 172 33.32 14.50 2.01
CA CYS A 172 33.25 15.76 1.27
C CYS A 172 33.46 15.52 -0.21
N ASN A 173 34.39 14.64 -0.58
CA ASN A 173 34.58 14.31 -1.98
CA ASN A 173 34.58 14.31 -1.98
C ASN A 173 33.32 13.67 -2.55
N HIS A 174 32.68 12.78 -1.78
CA HIS A 174 31.43 12.16 -2.23
C HIS A 174 30.37 13.23 -2.50
N ILE A 175 30.14 14.12 -1.54
CA ILE A 175 29.07 15.12 -1.71
C ILE A 175 29.35 15.97 -2.94
N LYS A 176 30.61 16.38 -3.13
CA LYS A 176 30.97 17.22 -4.27
C LYS A 176 30.74 16.48 -5.58
N TYR A 177 31.21 15.23 -5.67
CA TYR A 177 31.04 14.45 -6.90
C TYR A 177 29.57 14.22 -7.20
N ALA A 178 28.82 13.79 -6.19
CA ALA A 178 27.42 13.41 -6.41
C ALA A 178 26.56 14.62 -6.74
N THR A 179 26.84 15.77 -6.12
CA THR A 179 26.04 16.97 -6.39
C THR A 179 26.32 17.50 -7.79
N ASN A 180 27.59 17.54 -8.19
CA ASN A 180 27.95 17.90 -9.57
C ASN A 180 27.27 19.19 -10.02
N ARG A 181 27.26 20.21 -9.14
CA ARG A 181 26.66 21.51 -9.40
C ARG A 181 25.17 21.42 -9.75
N GLY A 182 24.49 20.37 -9.31
CA GLY A 182 23.08 20.19 -9.60
C GLY A 182 22.77 19.08 -10.58
N ASN A 183 23.73 18.67 -11.40
CA ASN A 183 23.54 17.54 -12.31
C ASN A 183 23.91 16.24 -11.58
N LEU A 184 22.99 15.77 -10.74
CA LEU A 184 23.33 14.79 -9.71
C LEU A 184 23.73 13.45 -10.30
N ARG A 185 24.70 12.79 -9.66
CA ARG A 185 25.19 11.49 -10.06
C ARG A 185 25.12 10.56 -8.86
N SER A 186 24.51 9.38 -9.05
CA SER A 186 24.43 8.40 -7.98
C SER A 186 25.83 7.94 -7.58
N ALA A 187 26.04 7.77 -6.28
CA ALA A 187 27.37 7.36 -5.83
C ALA A 187 27.24 6.66 -4.49
N ILE A 188 28.27 5.90 -4.15
CA ILE A 188 28.38 5.29 -2.84
C ILE A 188 29.85 5.30 -2.46
N THR A 189 30.14 5.58 -1.19
CA THR A 189 31.47 5.47 -0.63
C THR A 189 31.46 4.37 0.41
N VAL A 190 32.40 3.45 0.31
CA VAL A 190 32.44 2.25 1.15
C VAL A 190 33.63 2.36 2.08
N PHE A 191 33.38 2.54 3.37
CA PHE A 191 34.41 2.55 4.40
C PHE A 191 34.74 1.12 4.84
N PRO A 192 35.79 0.94 5.68
CA PRO A 192 36.25 -0.42 5.96
C PRO A 192 35.18 -1.31 6.56
N GLN A 193 35.28 -2.59 6.26
CA GLN A 193 34.29 -3.56 6.69
C GLN A 193 34.44 -3.85 8.18
N ARG A 194 33.37 -4.41 8.76
CA ARG A 194 33.42 -4.89 10.12
C ARG A 194 34.46 -6.00 10.23
N CYS A 195 35.16 -6.05 11.34
CA CYS A 195 36.03 -7.18 11.63
C CYS A 195 35.98 -7.45 13.11
N PRO A 196 36.15 -8.71 13.53
CA PRO A 196 35.97 -9.05 14.94
C PRO A 196 37.02 -8.37 15.81
N GLY A 197 36.65 -8.14 17.06
CA GLY A 197 37.53 -7.48 18.01
C GLY A 197 38.08 -6.16 17.51
N ARG A 198 37.17 -5.22 17.21
CA ARG A 198 37.47 -3.90 16.67
C ARG A 198 36.16 -3.18 16.32
N GLY A 199 35.93 -2.00 16.89
CA GLY A 199 34.69 -1.29 16.64
C GLY A 199 34.53 -0.88 15.18
N ASP A 200 33.27 -0.59 14.81
CA ASP A 200 32.93 -0.23 13.45
C ASP A 200 33.26 1.23 13.15
N PHE A 201 33.44 1.51 11.86
CA PHE A 201 33.19 2.86 11.36
C PHE A 201 31.68 3.09 11.34
N ARG A 202 31.23 4.26 11.78
CA ARG A 202 29.81 4.59 11.71
C ARG A 202 29.64 6.07 11.42
N ILE A 203 28.67 6.39 10.58
CA ILE A 203 28.14 7.73 10.45
C ILE A 203 26.87 7.81 11.29
N TRP A 204 26.90 8.65 12.33
CA TRP A 204 25.78 8.72 13.26
C TRP A 204 24.56 9.40 12.63
N ASN A 205 24.79 10.36 11.75
CA ASN A 205 23.69 11.00 11.04
C ASN A 205 22.96 9.98 10.16
N SER A 206 21.65 10.18 10.04
CA SER A 206 20.84 9.30 9.20
C SER A 206 21.04 9.60 7.72
N GLN A 207 21.29 10.87 7.37
CA GLN A 207 21.71 11.27 6.04
C GLN A 207 22.88 12.23 6.19
N LEU A 208 23.56 12.47 5.07
CA LEU A 208 24.70 13.37 5.09
C LEU A 208 24.25 14.82 5.24
N VAL A 209 23.15 15.18 4.59
CA VAL A 209 22.52 16.50 4.76
C VAL A 209 21.21 16.29 5.51
N ARG A 210 21.10 16.88 6.70
CA ARG A 210 19.87 16.85 7.50
C ARG A 210 19.65 18.20 8.16
N TYR A 211 18.38 18.59 8.26
CA TYR A 211 18.01 19.81 8.98
C TYR A 211 17.80 19.52 10.46
N ALA A 212 18.31 20.41 11.30
CA ALA A 212 18.13 20.30 12.75
C ALA A 212 16.65 20.31 13.13
N GLY A 213 16.36 19.65 14.25
CA GLY A 213 15.07 19.75 14.90
C GLY A 213 15.29 20.07 16.36
N TYR A 214 14.81 21.24 16.81
CA TYR A 214 15.04 21.70 18.18
C TYR A 214 13.76 21.48 18.99
N ARG A 215 13.86 20.64 20.02
CA ARG A 215 12.71 20.38 20.87
C ARG A 215 12.34 21.62 21.67
N GLN A 216 11.08 22.01 21.61
CA GLN A 216 10.63 23.19 22.35
C GLN A 216 10.09 22.78 23.71
N GLN A 217 9.99 23.77 24.61
CA GLN A 217 9.56 23.49 25.98
C GLN A 217 8.18 22.85 26.04
N ASP A 218 7.35 23.03 25.00
CA ASP A 218 5.99 22.51 24.98
C ASP A 218 5.87 21.17 24.25
N GLY A 219 6.98 20.56 23.88
CA GLY A 219 6.96 19.29 23.19
C GLY A 219 7.11 19.39 21.68
N SER A 220 6.65 20.50 21.09
CA SER A 220 6.74 20.65 19.64
C SER A 220 8.21 20.84 19.21
N VAL A 221 8.42 20.91 17.90
CA VAL A 221 9.75 20.97 17.32
C VAL A 221 9.81 22.16 16.36
N ARG A 222 10.89 22.93 16.43
CA ARG A 222 11.26 23.88 15.40
C ARG A 222 12.29 23.21 14.49
N GLY A 223 12.02 23.19 13.19
CA GLY A 223 12.83 22.38 12.30
C GLY A 223 12.23 21.00 12.07
N ASP A 224 13.10 20.05 11.73
CA ASP A 224 12.65 18.74 11.27
C ASP A 224 12.51 17.80 12.45
N PRO A 225 11.28 17.37 12.81
CA PRO A 225 11.14 16.45 13.96
C PRO A 225 11.85 15.12 13.79
N ALA A 226 12.10 14.67 12.56
CA ALA A 226 12.81 13.42 12.37
C ALA A 226 14.22 13.46 12.93
N ASN A 227 14.81 14.65 13.11
CA ASN A 227 16.23 14.78 13.44
C ASN A 227 16.47 15.30 14.85
N VAL A 228 15.44 15.30 15.71
CA VAL A 228 15.60 15.77 17.09
C VAL A 228 16.71 15.00 17.81
N GLU A 229 16.67 13.67 17.71
CA GLU A 229 17.66 12.82 18.38
C GLU A 229 19.09 13.19 17.98
N ILE A 230 19.37 13.27 16.68
CA ILE A 230 20.74 13.52 16.25
C ILE A 230 21.14 14.97 16.53
N THR A 231 20.17 15.89 16.49
CA THR A 231 20.43 17.29 16.84
C THR A 231 20.95 17.40 18.28
N GLU A 232 20.28 16.72 19.21
CA GLU A 232 20.68 16.76 20.61
C GLU A 232 22.03 16.09 20.82
N LEU A 233 22.29 14.99 20.11
CA LEU A 233 23.60 14.37 20.19
C LEU A 233 24.68 15.29 19.64
N CYS A 234 24.37 16.01 18.55
CA CYS A 234 25.30 17.02 18.07
C CYS A 234 25.56 18.08 19.13
N ILE A 235 24.51 18.53 19.82
CA ILE A 235 24.70 19.54 20.86
C ILE A 235 25.48 18.98 22.03
N GLN A 236 25.16 17.75 22.45
CA GLN A 236 25.88 17.15 23.58
C GLN A 236 27.35 16.90 23.24
N HIS A 237 27.70 16.85 21.96
CA HIS A 237 29.09 16.72 21.58
C HIS A 237 29.73 18.06 21.24
N GLY A 238 29.07 19.17 21.55
CA GLY A 238 29.71 20.48 21.50
C GLY A 238 29.31 21.37 20.35
N TRP A 239 28.36 20.97 19.52
CA TRP A 239 27.91 21.85 18.45
C TRP A 239 27.12 23.00 19.03
N THR A 240 27.39 24.22 18.54
CA THR A 240 26.58 25.35 18.93
C THR A 240 25.34 25.36 18.04
N PRO A 241 24.16 25.11 18.61
CA PRO A 241 22.95 25.04 17.79
C PRO A 241 22.54 26.41 17.26
N GLY A 242 21.79 26.38 16.17
CA GLY A 242 21.09 27.55 15.67
C GLY A 242 19.69 27.62 16.25
N ASN A 243 18.80 28.29 15.52
CA ASN A 243 17.40 28.30 15.94
C ASN A 243 16.46 28.52 14.75
N GLY A 244 16.92 28.19 13.55
CA GLY A 244 16.07 28.25 12.38
C GLY A 244 15.38 26.92 12.12
N ARG A 245 14.55 26.91 11.08
CA ARG A 245 13.80 25.73 10.71
C ARG A 245 14.54 24.86 9.72
N PHE A 246 15.63 25.36 9.12
CA PHE A 246 16.37 24.62 8.12
C PHE A 246 17.87 24.77 8.34
N ASP A 247 18.33 24.47 9.56
CA ASP A 247 19.75 24.52 9.90
C ASP A 247 20.42 23.21 9.53
N VAL A 248 21.43 23.25 8.65
CA VAL A 248 22.14 22.03 8.27
C VAL A 248 22.96 21.54 9.46
N LEU A 249 22.76 20.26 9.83
CA LEU A 249 23.44 19.66 10.98
C LEU A 249 24.89 19.36 10.65
N PRO A 250 25.78 19.37 11.65
CA PRO A 250 27.13 18.83 11.44
C PRO A 250 27.11 17.32 11.38
N LEU A 251 28.20 16.76 10.88
CA LEU A 251 28.38 15.31 10.85
C LEU A 251 28.97 14.83 12.18
N LEU A 252 28.47 13.70 12.67
CA LEU A 252 29.07 12.98 13.79
C LEU A 252 29.69 11.71 13.23
N LEU A 253 31.02 11.67 13.14
CA LEU A 253 31.73 10.56 12.50
C LEU A 253 32.46 9.72 13.53
N GLN A 254 32.26 8.41 13.48
CA GLN A 254 32.89 7.48 14.41
C GLN A 254 33.90 6.60 13.68
N ALA A 255 35.17 6.75 14.06
CA ALA A 255 36.24 5.83 13.71
C ALA A 255 36.33 4.74 14.77
N PRO A 256 36.90 3.58 14.44
CA PRO A 256 36.85 2.44 15.37
C PRO A 256 37.30 2.77 16.79
N ASP A 257 36.47 2.39 17.76
CA ASP A 257 36.81 2.42 19.18
C ASP A 257 37.06 3.83 19.69
N GLU A 258 36.55 4.83 18.98
CA GLU A 258 36.68 6.22 19.37
C GLU A 258 35.30 6.83 19.58
N PRO A 259 35.18 7.81 20.46
CA PRO A 259 33.95 8.59 20.50
C PRO A 259 33.70 9.22 19.16
N PRO A 260 32.44 9.52 18.83
CA PRO A 260 32.15 10.26 17.60
C PRO A 260 32.75 11.66 17.66
N GLU A 261 33.11 12.17 16.48
CA GLU A 261 33.78 13.45 16.30
C GLU A 261 32.93 14.35 15.40
N LEU A 262 32.87 15.64 15.75
CA LEU A 262 32.03 16.61 15.06
C LEU A 262 32.77 17.22 13.87
N PHE A 263 32.08 17.28 12.73
CA PHE A 263 32.60 17.95 11.55
C PHE A 263 31.51 18.80 10.92
N LEU A 264 31.84 20.04 10.62
CA LEU A 264 30.92 20.98 9.97
C LEU A 264 31.07 20.87 8.46
N LEU A 265 29.95 20.77 7.76
CA LEU A 265 29.98 20.75 6.30
C LEU A 265 30.18 22.18 5.79
N PRO A 266 31.19 22.42 4.95
CA PRO A 266 31.34 23.74 4.35
C PRO A 266 30.07 24.12 3.60
N PRO A 267 29.57 25.34 3.78
CA PRO A 267 28.28 25.67 3.17
C PRO A 267 28.30 25.60 1.65
N GLU A 268 29.42 25.92 1.00
CA GLU A 268 29.45 25.88 -0.46
C GLU A 268 29.30 24.48 -1.02
N LEU A 269 29.43 23.46 -0.17
CA LEU A 269 29.30 22.06 -0.54
C LEU A 269 27.87 21.56 -0.48
N VAL A 270 27.02 22.18 0.34
CA VAL A 270 25.65 21.74 0.55
C VAL A 270 24.76 22.62 -0.34
N LEU A 271 24.33 22.06 -1.48
CA LEU A 271 23.44 22.78 -2.38
C LEU A 271 22.00 22.64 -1.90
N GLU A 272 21.31 23.77 -1.79
CA GLU A 272 19.94 23.84 -1.36
C GLU A 272 19.09 24.53 -2.42
N VAL A 273 17.79 24.28 -2.35
CA VAL A 273 16.83 24.84 -3.30
C VAL A 273 15.77 25.61 -2.52
N PRO A 274 15.69 26.92 -2.66
CA PRO A 274 14.55 27.67 -2.11
C PRO A 274 13.27 27.28 -2.83
N LEU A 275 12.19 27.12 -2.06
CA LEU A 275 10.94 26.67 -2.68
C LEU A 275 10.09 27.88 -3.06
N GLU A 276 9.64 27.87 -4.31
CA GLU A 276 8.71 28.87 -4.81
C GLU A 276 7.67 28.15 -5.66
N HIS A 277 6.59 28.83 -5.94
CA HIS A 277 5.53 28.22 -6.73
C HIS A 277 5.36 29.02 -8.01
N PRO A 278 5.02 28.36 -9.14
CA PRO A 278 4.98 29.09 -10.41
C PRO A 278 3.86 30.11 -10.50
N THR A 279 2.73 29.95 -9.81
CA THR A 279 1.67 30.95 -9.86
C THR A 279 1.23 31.46 -8.49
N LEU A 280 1.54 30.78 -7.39
CA LEU A 280 1.17 31.27 -6.06
C LEU A 280 2.30 32.16 -5.57
N GLU A 281 2.13 33.48 -5.76
CA GLU A 281 3.24 34.40 -5.52
C GLU A 281 3.70 34.39 -4.08
N TRP A 282 2.78 34.13 -3.14
CA TRP A 282 3.13 34.16 -1.72
C TRP A 282 3.90 32.93 -1.26
N PHE A 283 3.95 31.87 -2.06
CA PHE A 283 4.59 30.63 -1.61
C PHE A 283 6.03 30.87 -1.21
N ALA A 284 6.77 31.69 -1.98
CA ALA A 284 8.17 31.96 -1.65
C ALA A 284 8.32 32.55 -0.26
N ALA A 285 7.36 33.37 0.17
CA ALA A 285 7.43 34.02 1.47
C ALA A 285 7.43 33.04 2.64
N LEU A 286 6.96 31.79 2.42
CA LEU A 286 6.95 30.80 3.49
C LEU A 286 8.34 30.36 3.90
N GLY A 287 9.37 30.72 3.13
CA GLY A 287 10.73 30.40 3.50
C GLY A 287 11.06 28.92 3.50
N LEU A 288 10.32 28.12 2.75
CA LEU A 288 10.59 26.69 2.70
C LEU A 288 11.75 26.43 1.77
N ARG A 289 12.52 25.39 2.08
CA ARG A 289 13.65 25.01 1.24
C ARG A 289 13.91 23.53 1.45
N TRP A 290 14.61 22.92 0.50
CA TRP A 290 15.11 21.59 0.75
C TRP A 290 16.49 21.46 0.10
N TYR A 291 17.20 20.40 0.46
CA TYR A 291 18.55 20.21 -0.06
C TYR A 291 18.53 19.30 -1.28
N ALA A 292 19.57 19.44 -2.10
CA ALA A 292 19.62 18.76 -3.39
C ALA A 292 19.93 17.27 -3.26
N LEU A 293 20.80 16.89 -2.32
CA LEU A 293 21.41 15.56 -2.35
C LEU A 293 20.80 14.63 -1.31
N PRO A 294 20.00 13.64 -1.70
CA PRO A 294 19.58 12.58 -0.76
C PRO A 294 20.67 11.53 -0.59
N ALA A 295 21.32 11.53 0.59
CA ALA A 295 22.51 10.70 0.83
C ALA A 295 22.33 9.94 2.13
N VAL A 296 21.86 8.70 2.03
CA VAL A 296 21.58 7.86 3.21
C VAL A 296 22.88 7.33 3.79
N SER A 297 23.04 7.42 5.11
CA SER A 297 24.31 7.13 5.74
C SER A 297 24.20 6.22 6.96
N ASN A 298 23.02 5.66 7.24
CA ASN A 298 22.83 4.81 8.42
C ASN A 298 22.50 3.37 8.08
N MET A 299 22.58 2.96 6.81
CA MET A 299 22.32 1.57 6.47
C MET A 299 23.61 0.76 6.35
N LEU A 300 23.47 -0.55 6.52
CA LEU A 300 24.59 -1.47 6.45
C LEU A 300 24.59 -2.14 5.08
N LEU A 301 25.74 -2.13 4.41
CA LEU A 301 25.92 -2.79 3.13
C LEU A 301 26.49 -4.17 3.37
N GLU A 302 25.80 -5.20 2.88
CA GLU A 302 26.22 -6.59 3.07
C GLU A 302 26.61 -7.19 1.72
N ILE A 303 27.85 -7.69 1.62
CA ILE A 303 28.32 -8.30 0.37
C ILE A 303 29.09 -9.56 0.72
N GLY A 304 28.62 -10.71 0.22
CA GLY A 304 29.34 -11.97 0.40
C GLY A 304 29.61 -12.33 1.84
N GLY A 305 28.68 -11.98 2.74
CA GLY A 305 28.88 -12.19 4.15
C GLY A 305 29.71 -11.14 4.84
N LEU A 306 30.37 -10.24 4.10
CA LEU A 306 31.06 -9.13 4.71
C LEU A 306 30.06 -8.02 5.02
N GLU A 307 30.33 -7.27 6.08
CA GLU A 307 29.44 -6.21 6.52
C GLU A 307 30.18 -4.89 6.52
N PHE A 308 29.56 -3.88 5.89
CA PHE A 308 30.10 -2.52 5.80
C PHE A 308 29.11 -1.62 6.52
N PRO A 309 29.30 -1.37 7.83
CA PRO A 309 28.35 -0.53 8.56
C PRO A 309 28.36 0.93 8.14
N ALA A 310 29.42 1.41 7.50
CA ALA A 310 29.50 2.79 7.00
C ALA A 310 29.73 2.74 5.51
N ALA A 311 28.67 3.03 4.75
CA ALA A 311 28.71 2.97 3.29
C ALA A 311 27.63 3.89 2.74
N PRO A 312 27.80 5.21 2.91
CA PRO A 312 26.75 6.15 2.51
C PRO A 312 26.54 6.14 1.00
N PHE A 313 25.29 6.22 0.58
CA PHE A 313 24.93 6.22 -0.82
C PHE A 313 23.97 7.36 -1.11
N SER A 314 24.00 7.84 -2.35
CA SER A 314 23.17 8.97 -2.73
C SER A 314 22.67 8.80 -4.14
N GLY A 315 21.44 9.29 -4.39
CA GLY A 315 20.89 9.38 -5.72
C GLY A 315 20.38 10.79 -5.99
N TRP A 316 19.17 10.89 -6.52
CA TRP A 316 18.47 12.17 -6.59
C TRP A 316 17.03 11.95 -6.12
N TYR A 317 16.37 13.05 -5.78
CA TYR A 317 15.06 12.97 -5.15
C TYR A 317 13.95 12.65 -6.14
N MET A 318 12.99 11.85 -5.71
CA MET A 318 11.67 11.85 -6.30
C MET A 318 10.87 12.92 -5.55
N SER A 319 10.10 13.72 -6.29
CA SER A 319 9.53 14.95 -5.70
C SER A 319 8.58 14.68 -4.53
N THR A 320 7.91 13.52 -4.50
CA THR A 320 6.98 13.27 -3.40
C THR A 320 7.69 13.09 -2.07
N GLU A 321 8.96 12.65 -2.09
CA GLU A 321 9.72 12.55 -0.85
C GLU A 321 9.73 13.89 -0.12
N ILE A 322 9.97 14.97 -0.88
CA ILE A 322 10.07 16.31 -0.28
C ILE A 322 8.68 16.90 -0.08
N GLY A 323 7.89 16.96 -1.14
CA GLY A 323 6.65 17.72 -1.09
C GLY A 323 5.54 17.06 -0.29
N THR A 324 5.56 15.73 -0.19
CA THR A 324 4.49 15.01 0.49
C THR A 324 4.92 14.48 1.85
N ARG A 325 6.04 13.77 1.90
CA ARG A 325 6.46 13.16 3.17
C ARG A 325 7.13 14.19 4.08
N ASN A 326 8.23 14.79 3.62
CA ASN A 326 9.01 15.65 4.50
C ASN A 326 8.24 16.92 4.89
N LEU A 327 7.49 17.50 3.95
CA LEU A 327 6.81 18.76 4.25
C LEU A 327 5.38 18.57 4.75
N CYS A 328 4.68 17.50 4.37
CA CYS A 328 3.28 17.34 4.74
C CYS A 328 2.99 16.27 5.79
N ASP A 329 3.89 15.32 6.04
CA ASP A 329 3.60 14.35 7.10
C ASP A 329 3.25 15.11 8.38
N PRO A 330 2.27 14.66 9.16
CA PRO A 330 1.91 15.40 10.38
C PRO A 330 2.99 15.35 11.45
N HIS A 331 3.87 14.35 11.41
CA HIS A 331 5.00 14.28 12.32
C HIS A 331 6.29 14.78 11.67
N ARG A 332 6.19 15.43 10.52
CA ARG A 332 7.37 16.11 9.99
C ARG A 332 7.12 17.62 10.03
N TYR A 333 7.40 18.35 8.94
CA TYR A 333 7.21 19.79 9.01
C TYR A 333 5.73 20.17 9.11
N ASN A 334 4.82 19.33 8.61
CA ASN A 334 3.40 19.48 8.88
C ASN A 334 2.87 20.86 8.44
N ILE A 335 3.19 21.28 7.22
CA ILE A 335 2.80 22.61 6.72
C ILE A 335 1.60 22.56 5.78
N LEU A 336 0.93 21.40 5.70
CA LEU A 336 -0.16 21.25 4.73
C LEU A 336 -1.26 22.27 4.98
N GLU A 337 -1.66 22.45 6.23
CA GLU A 337 -2.76 23.37 6.50
C GLU A 337 -2.34 24.83 6.35
N ASP A 338 -1.07 25.15 6.63
CA ASP A 338 -0.59 26.49 6.37
C ASP A 338 -0.73 26.86 4.90
N VAL A 339 -0.38 25.92 4.01
CA VAL A 339 -0.48 26.17 2.58
C VAL A 339 -1.94 26.27 2.13
N ALA A 340 -2.78 25.34 2.59
CA ALA A 340 -4.18 25.31 2.19
C ALA A 340 -4.89 26.61 2.57
N VAL A 341 -4.58 27.12 3.74
CA VAL A 341 -5.20 28.33 4.22
C VAL A 341 -4.77 29.54 3.38
N CYS A 342 -3.52 29.55 2.90
CA CYS A 342 -3.06 30.62 2.03
C CYS A 342 -3.59 30.49 0.62
N MET A 343 -3.97 29.27 0.21
CA MET A 343 -4.66 29.06 -1.04
C MET A 343 -6.14 29.44 -0.96
N ASP A 344 -6.60 29.90 0.20
CA ASP A 344 -8.00 30.26 0.42
C ASP A 344 -8.93 29.06 0.27
N LEU A 345 -8.46 27.86 0.66
CA LEU A 345 -9.29 26.67 0.66
C LEU A 345 -10.12 26.59 1.94
N ASP A 346 -11.25 25.89 1.84
CA ASP A 346 -12.15 25.69 2.98
C ASP A 346 -11.63 24.52 3.80
N THR A 347 -10.89 24.82 4.87
CA THR A 347 -10.26 23.76 5.65
C THR A 347 -11.11 23.27 6.82
N ARG A 348 -12.36 23.73 6.93
CA ARG A 348 -13.20 23.29 8.03
C ARG A 348 -14.08 22.10 7.68
N THR A 349 -13.92 21.55 6.47
CA THR A 349 -14.67 20.38 6.02
C THR A 349 -13.74 19.55 5.15
N THR A 350 -13.61 18.25 5.49
CA THR A 350 -12.68 17.40 4.72
C THR A 350 -13.13 17.24 3.27
N SER A 351 -14.43 17.30 3.01
CA SER A 351 -14.93 16.94 1.68
C SER A 351 -14.69 18.02 0.63
N SER A 352 -14.13 19.18 0.99
CA SER A 352 -13.60 20.07 -0.04
C SER A 352 -12.31 19.55 -0.64
N LEU A 353 -11.71 18.52 -0.03
CA LEU A 353 -10.43 17.93 -0.48
C LEU A 353 -9.30 18.97 -0.45
N TRP A 354 -9.36 19.85 0.55
CA TRP A 354 -8.33 20.87 0.68
C TRP A 354 -6.97 20.25 0.94
N LYS A 355 -6.91 19.16 1.71
CA LYS A 355 -5.63 18.48 1.93
C LYS A 355 -5.04 18.01 0.61
N ASP A 356 -5.86 17.45 -0.28
CA ASP A 356 -5.36 16.93 -1.55
C ASP A 356 -4.91 18.05 -2.46
N LYS A 357 -5.68 19.15 -2.51
CA LYS A 357 -5.34 20.28 -3.37
C LYS A 357 -4.06 20.95 -2.91
N ALA A 358 -3.94 21.23 -1.60
CA ALA A 358 -2.70 21.83 -1.09
C ALA A 358 -1.50 20.91 -1.32
N ALA A 359 -1.65 19.60 -1.07
CA ALA A 359 -0.52 18.71 -1.23
C ALA A 359 -0.02 18.70 -2.67
N VAL A 360 -0.93 18.68 -3.65
CA VAL A 360 -0.51 18.69 -5.05
C VAL A 360 0.25 19.97 -5.37
N GLU A 361 -0.22 21.12 -4.85
CA GLU A 361 0.47 22.38 -5.12
C GLU A 361 1.84 22.45 -4.43
N ILE A 362 2.00 21.84 -3.26
CA ILE A 362 3.33 21.77 -2.69
C ILE A 362 4.25 20.89 -3.54
N ASN A 363 3.72 19.79 -4.08
CA ASN A 363 4.54 18.98 -4.97
C ASN A 363 4.86 19.72 -6.26
N VAL A 364 3.93 20.53 -6.78
CA VAL A 364 4.23 21.35 -7.95
C VAL A 364 5.35 22.33 -7.64
N ALA A 365 5.34 22.90 -6.43
CA ALA A 365 6.35 23.88 -6.07
C ALA A 365 7.74 23.24 -5.98
N VAL A 366 7.81 22.01 -5.48
CA VAL A 366 9.08 21.29 -5.41
C VAL A 366 9.64 21.04 -6.81
N LEU A 367 8.79 20.52 -7.71
CA LEU A 367 9.25 20.25 -9.07
C LEU A 367 9.71 21.51 -9.77
N HIS A 368 8.91 22.57 -9.69
CA HIS A 368 9.24 23.84 -10.33
C HIS A 368 10.53 24.43 -9.78
N SER A 369 10.72 24.37 -8.45
CA SER A 369 11.87 24.99 -7.83
C SER A 369 13.18 24.25 -8.15
N TYR A 370 13.15 22.92 -8.13
CA TYR A 370 14.34 22.17 -8.49
C TYR A 370 14.68 22.36 -9.96
N GLN A 371 13.68 22.30 -10.83
CA GLN A 371 13.94 22.54 -12.25
C GLN A 371 14.48 23.95 -12.48
N LEU A 372 13.93 24.93 -11.77
CA LEU A 372 14.40 26.30 -11.91
C LEU A 372 15.85 26.42 -11.44
N ALA A 373 16.20 25.75 -10.33
CA ALA A 373 17.56 25.73 -9.82
C ALA A 373 18.50 24.80 -10.60
N LYS A 374 17.99 24.07 -11.60
CA LYS A 374 18.78 23.10 -12.36
C LYS A 374 19.37 22.02 -11.45
N VAL A 375 18.53 21.50 -10.57
CA VAL A 375 18.87 20.40 -9.69
C VAL A 375 18.03 19.19 -10.09
N THR A 376 18.70 18.08 -10.38
CA THR A 376 18.02 16.87 -10.82
C THR A 376 16.90 16.48 -9.87
N ILE A 377 15.72 16.21 -10.43
CA ILE A 377 14.60 15.70 -9.66
C ILE A 377 13.70 14.93 -10.61
N VAL A 378 12.96 13.95 -10.07
CA VAL A 378 12.04 13.17 -10.89
C VAL A 378 10.66 13.15 -10.21
N ASP A 379 9.61 13.40 -10.98
CA ASP A 379 8.28 13.28 -10.39
C ASP A 379 7.87 11.81 -10.28
N HIS A 380 6.80 11.58 -9.52
CA HIS A 380 6.39 10.22 -9.20
C HIS A 380 5.83 9.49 -10.42
N HIS A 381 5.27 10.22 -11.39
CA HIS A 381 4.77 9.57 -12.60
C HIS A 381 5.93 9.03 -13.44
N ALA A 382 6.94 9.86 -13.67
CA ALA A 382 8.08 9.40 -14.45
C ALA A 382 8.84 8.31 -13.72
N ALA A 383 8.97 8.42 -12.39
CA ALA A 383 9.71 7.42 -11.64
C ALA A 383 9.01 6.07 -11.67
N THR A 384 7.67 6.06 -11.52
CA THR A 384 6.97 4.78 -11.52
C THR A 384 6.95 4.18 -12.92
N ALA A 385 6.88 5.00 -13.97
CA ALA A 385 6.93 4.43 -15.31
C ALA A 385 8.28 3.78 -15.58
N SER A 386 9.36 4.39 -15.08
CA SER A 386 10.66 3.76 -15.25
CA SER A 386 10.68 3.77 -15.22
C SER A 386 10.76 2.48 -14.42
N PHE A 387 10.11 2.44 -13.25
CA PHE A 387 10.13 1.21 -12.47
C PHE A 387 9.40 0.08 -13.20
N MET A 388 8.32 0.40 -13.92
CA MET A 388 7.67 -0.63 -14.73
C MET A 388 8.61 -1.18 -15.80
N LYS A 389 9.42 -0.30 -16.40
CA LYS A 389 10.45 -0.78 -17.33
C LYS A 389 11.47 -1.66 -16.61
N HIS A 390 11.90 -1.24 -15.43
CA HIS A 390 12.83 -2.06 -14.65
C HIS A 390 12.27 -3.46 -14.39
N LEU A 391 10.98 -3.54 -14.00
CA LEU A 391 10.37 -4.85 -13.79
C LEU A 391 10.43 -5.70 -15.06
N GLU A 392 10.14 -5.10 -16.21
CA GLU A 392 10.20 -5.83 -17.45
C GLU A 392 11.64 -6.28 -17.74
N ASN A 393 12.63 -5.42 -17.47
CA ASN A 393 14.02 -5.79 -17.69
C ASN A 393 14.44 -6.92 -16.77
N GLU A 394 14.08 -6.83 -15.49
CA GLU A 394 14.48 -7.84 -14.53
C GLU A 394 13.77 -9.17 -14.77
N GLN A 395 12.54 -9.14 -15.30
CA GLN A 395 11.91 -10.42 -15.63
C GLN A 395 12.73 -11.18 -16.66
N LYS A 396 13.24 -10.48 -17.69
CA LYS A 396 14.04 -11.14 -18.71
C LYS A 396 15.43 -11.51 -18.21
N ALA A 397 15.99 -10.76 -17.26
CA ALA A 397 17.37 -11.01 -16.88
C ALA A 397 17.52 -12.01 -15.75
N ARG A 398 16.58 -12.03 -14.79
CA ARG A 398 16.70 -12.87 -13.60
C ARG A 398 15.45 -13.65 -13.26
N GLY A 399 14.37 -13.51 -14.02
CA GLY A 399 13.15 -14.22 -13.71
C GLY A 399 12.29 -13.61 -12.62
N GLY A 400 12.54 -12.36 -12.24
CA GLY A 400 11.72 -11.72 -11.24
C GLY A 400 12.40 -10.48 -10.69
N CYS A 401 11.75 -9.89 -9.70
CA CYS A 401 12.26 -8.67 -9.11
C CYS A 401 11.61 -8.47 -7.75
N PRO A 402 12.38 -8.47 -6.66
CA PRO A 402 11.78 -8.25 -5.34
C PRO A 402 11.31 -6.80 -5.21
N ALA A 403 10.07 -6.61 -4.79
CA ALA A 403 9.48 -5.28 -4.77
C ALA A 403 8.46 -5.21 -3.65
N ASP A 404 8.50 -4.13 -2.90
CA ASP A 404 7.62 -3.90 -1.76
C ASP A 404 6.54 -2.91 -2.21
N TRP A 405 5.35 -3.46 -2.51
CA TRP A 405 4.26 -2.67 -3.12
C TRP A 405 3.97 -1.39 -2.34
N ALA A 406 3.90 -1.49 -1.01
CA ALA A 406 3.54 -0.33 -0.19
C ALA A 406 4.55 0.80 -0.30
N TRP A 407 5.80 0.48 -0.64
CA TRP A 407 6.84 1.51 -0.73
C TRP A 407 7.09 1.97 -2.16
N ILE A 408 6.75 1.15 -3.16
CA ILE A 408 6.94 1.51 -4.56
C ILE A 408 5.83 2.44 -5.02
N VAL A 409 4.59 2.21 -4.57
CA VAL A 409 3.46 3.09 -4.89
C VAL A 409 3.65 4.43 -4.18
N PRO A 410 3.59 5.56 -4.89
CA PRO A 410 3.90 6.86 -4.27
C PRO A 410 2.84 7.29 -3.27
N PRO A 411 3.17 8.23 -2.37
CA PRO A 411 2.23 8.60 -1.29
C PRO A 411 1.13 9.57 -1.69
N ILE A 412 1.12 10.07 -2.92
CA ILE A 412 -0.05 10.73 -3.47
C ILE A 412 -0.32 10.08 -4.82
N SER A 413 -1.59 10.11 -5.23
CA SER A 413 -1.99 9.74 -6.58
C SER A 413 -1.61 8.29 -6.90
N GLY A 414 -1.68 7.43 -5.89
CA GLY A 414 -1.24 6.06 -6.01
C GLY A 414 -1.76 5.34 -7.25
N SER A 415 -3.08 5.30 -7.43
CA SER A 415 -3.65 4.51 -8.53
C SER A 415 -3.55 5.23 -9.87
N LEU A 416 -3.08 6.48 -9.88
CA LEU A 416 -2.80 7.14 -11.15
C LEU A 416 -1.46 6.70 -11.74
N THR A 417 -0.67 5.94 -10.98
CA THR A 417 0.59 5.44 -11.48
C THR A 417 0.50 3.95 -11.81
N PRO A 418 1.30 3.47 -12.75
CA PRO A 418 1.14 2.08 -13.21
C PRO A 418 1.56 1.04 -12.19
N VAL A 419 2.38 1.37 -11.19
CA VAL A 419 2.79 0.38 -10.19
C VAL A 419 1.63 -0.03 -9.29
N PHE A 420 0.60 0.81 -9.15
CA PHE A 420 -0.53 0.47 -8.29
C PHE A 420 -1.21 -0.82 -8.74
N HIS A 421 -1.35 -1.00 -10.06
CA HIS A 421 -2.10 -2.12 -10.59
C HIS A 421 -1.24 -3.36 -10.80
N GLN A 422 0.00 -3.32 -10.32
CA GLN A 422 0.99 -4.36 -10.56
C GLN A 422 1.21 -5.14 -9.28
N GLU A 423 0.89 -6.43 -9.31
CA GLU A 423 1.21 -7.28 -8.17
C GLU A 423 2.72 -7.41 -8.05
N MET A 424 3.20 -7.53 -6.81
CA MET A 424 4.64 -7.63 -6.57
C MET A 424 4.92 -8.70 -5.52
N VAL A 425 6.12 -9.27 -5.59
CA VAL A 425 6.57 -10.30 -4.65
C VAL A 425 7.73 -9.71 -3.85
N ASN A 426 7.64 -9.79 -2.52
CA ASN A 426 8.66 -9.22 -1.65
C ASN A 426 9.50 -10.32 -1.04
N TYR A 427 10.82 -10.24 -1.24
CA TYR A 427 11.77 -11.19 -0.63
C TYR A 427 13.16 -10.57 -0.60
N PHE A 428 14.03 -11.16 0.21
CA PHE A 428 15.35 -10.61 0.53
C PHE A 428 16.43 -11.36 -0.24
N LEU A 429 17.12 -10.65 -1.13
CA LEU A 429 18.31 -11.20 -1.77
C LEU A 429 19.55 -10.51 -1.23
N SER A 430 20.70 -11.18 -1.38
CA SER A 430 21.99 -10.61 -1.05
C SER A 430 22.89 -10.60 -2.29
N PRO A 431 23.79 -9.59 -2.44
CA PRO A 431 24.11 -8.44 -1.60
C PRO A 431 22.91 -7.57 -1.27
N ALA A 432 22.96 -6.83 -0.17
CA ALA A 432 21.78 -6.11 0.30
C ALA A 432 22.20 -4.91 1.11
N PHE A 433 21.31 -3.91 1.15
CA PHE A 433 21.34 -2.85 2.15
C PHE A 433 20.37 -3.23 3.27
N ARG A 434 20.84 -3.21 4.52
CA ARG A 434 20.04 -3.59 5.68
C ARG A 434 19.99 -2.46 6.69
N TYR A 435 18.89 -2.40 7.44
CA TYR A 435 18.82 -1.55 8.62
C TYR A 435 19.75 -2.09 9.70
N GLN A 436 20.23 -1.19 10.57
CA GLN A 436 21.13 -1.60 11.65
C GLN A 436 20.80 -0.74 12.85
N PRO A 437 21.13 -1.19 14.06
CA PRO A 437 20.84 -0.39 15.26
C PRO A 437 21.63 0.91 15.27
N ASP A 438 21.01 1.93 15.86
CA ASP A 438 21.70 3.21 16.04
C ASP A 438 23.00 2.99 16.82
N PRO A 439 24.06 3.73 16.50
CA PRO A 439 25.35 3.49 17.17
C PRO A 439 25.35 3.87 18.63
N TRP A 440 24.37 4.63 19.10
CA TRP A 440 24.32 5.09 20.49
C TRP A 440 23.31 4.28 21.31
N LYS B 27 5.44 -14.40 20.43
CA LYS B 27 4.55 -15.07 19.47
C LYS B 27 3.64 -14.07 18.76
N PHE B 28 3.37 -12.91 19.43
CA PHE B 28 2.34 -11.98 18.96
C PHE B 28 2.96 -10.76 18.30
N PRO B 29 2.50 -10.42 17.10
CA PRO B 29 3.14 -9.33 16.34
C PRO B 29 2.99 -7.97 17.02
N ARG B 30 4.09 -7.22 17.04
CA ARG B 30 4.08 -5.83 17.46
C ARG B 30 3.65 -4.94 16.31
N VAL B 31 2.72 -4.03 16.58
CA VAL B 31 2.07 -3.20 15.57
C VAL B 31 2.22 -1.75 16.00
N LYS B 32 2.92 -0.96 15.19
CA LYS B 32 3.27 0.41 15.54
C LYS B 32 2.56 1.41 14.63
N ASN B 33 2.11 2.51 15.21
CA ASN B 33 1.69 3.68 14.43
C ASN B 33 2.86 4.66 14.36
N TRP B 34 3.34 4.95 13.16
CA TRP B 34 4.52 5.80 12.99
C TRP B 34 4.21 7.29 13.00
N GLU B 35 2.94 7.71 13.00
CA GLU B 35 2.65 9.12 13.19
C GLU B 35 2.67 9.51 14.66
N VAL B 36 2.17 8.64 15.52
CA VAL B 36 2.09 8.93 16.95
C VAL B 36 3.15 8.18 17.75
N GLY B 37 3.72 7.10 17.24
CA GLY B 37 4.67 6.31 17.98
C GLY B 37 4.06 5.25 18.89
N SER B 38 2.74 5.11 18.86
CA SER B 38 2.10 4.16 19.75
C SER B 38 2.20 2.73 19.19
N ILE B 39 2.16 1.76 20.10
CA ILE B 39 2.44 0.36 19.77
C ILE B 39 1.38 -0.51 20.41
N THR B 40 0.82 -1.45 19.64
CA THR B 40 -0.05 -2.48 20.21
C THR B 40 0.49 -3.86 19.80
N TYR B 41 -0.09 -4.89 20.43
CA TYR B 41 0.18 -6.27 20.07
C TYR B 41 -1.10 -6.91 19.57
N ASP B 42 -1.03 -7.58 18.43
CA ASP B 42 -2.21 -8.23 17.87
C ASP B 42 -2.27 -9.66 18.40
N THR B 43 -3.09 -9.89 19.43
CA THR B 43 -3.31 -11.24 19.94
C THR B 43 -4.47 -11.94 19.24
N LEU B 44 -5.32 -11.20 18.54
CA LEU B 44 -6.44 -11.79 17.83
C LEU B 44 -5.97 -12.67 16.67
N SER B 45 -4.79 -12.38 16.11
CA SER B 45 -4.30 -13.11 14.95
C SER B 45 -4.08 -14.58 15.25
N ALA B 46 -3.93 -14.94 16.53
CA ALA B 46 -3.73 -16.35 16.89
C ALA B 46 -4.95 -17.19 16.54
N GLN B 47 -6.15 -16.62 16.66
CA GLN B 47 -7.37 -17.29 16.22
C GLN B 47 -7.51 -17.38 14.70
N ALA B 48 -6.52 -17.02 13.87
CA ALA B 48 -6.71 -17.12 12.43
C ALA B 48 -6.89 -18.58 12.04
N GLN B 49 -7.96 -18.87 11.29
CA GLN B 49 -8.36 -20.24 10.97
C GLN B 49 -7.84 -20.70 9.61
N GLN B 50 -7.83 -19.83 8.62
CA GLN B 50 -7.38 -20.15 7.27
C GLN B 50 -5.96 -19.62 7.06
N ASP B 51 -5.25 -20.22 6.10
CA ASP B 51 -3.89 -19.81 5.77
C ASP B 51 -3.90 -18.89 4.55
N GLY B 52 -3.05 -17.86 4.61
CA GLY B 52 -2.92 -16.93 3.52
C GLY B 52 -1.74 -17.32 2.63
N PRO B 53 -1.40 -16.43 1.69
CA PRO B 53 -0.43 -16.79 0.64
C PRO B 53 1.03 -16.56 0.97
N CYS B 54 1.37 -15.88 2.07
CA CYS B 54 2.75 -15.54 2.38
C CYS B 54 3.46 -16.68 3.12
N THR B 55 4.79 -16.68 3.01
CA THR B 55 5.66 -17.59 3.75
C THR B 55 6.85 -16.80 4.30
N PRO B 56 7.69 -17.40 5.17
CA PRO B 56 8.90 -16.70 5.60
C PRO B 56 9.82 -16.29 4.46
N ARG B 57 9.71 -16.92 3.29
CA ARG B 57 10.67 -16.63 2.22
C ARG B 57 10.18 -15.57 1.22
N ARG B 58 8.86 -15.40 1.04
CA ARG B 58 8.39 -14.29 0.23
C ARG B 58 6.97 -13.88 0.63
N CYS B 59 6.75 -12.57 0.63
CA CYS B 59 5.45 -11.98 0.94
C CYS B 59 4.65 -11.83 -0.35
N LEU B 60 3.41 -12.28 -0.33
CA LEU B 60 2.50 -12.17 -1.45
C LEU B 60 1.29 -11.31 -1.10
N GLY B 61 1.44 -10.41 -0.12
CA GLY B 61 0.31 -9.63 0.35
C GLY B 61 -0.32 -8.74 -0.70
N SER B 62 0.40 -8.42 -1.77
CA SER B 62 -0.15 -7.54 -2.79
C SER B 62 -1.01 -8.28 -3.82
N LEU B 63 -1.09 -9.61 -3.77
CA LEU B 63 -1.95 -10.33 -4.69
C LEU B 63 -3.42 -9.99 -4.43
N VAL B 64 -4.18 -9.77 -5.51
CA VAL B 64 -5.61 -9.51 -5.37
C VAL B 64 -6.34 -10.77 -4.90
N PHE B 65 -6.15 -11.89 -5.60
CA PHE B 65 -6.75 -13.17 -5.22
C PHE B 65 -5.69 -14.09 -4.62
N PRO B 66 -5.75 -14.39 -3.30
CA PRO B 66 -4.84 -15.37 -2.71
C PRO B 66 -5.29 -16.81 -2.91
N ALA B 79 -17.03 -35.06 6.30
CA ALA B 79 -17.74 -33.80 6.56
C ALA B 79 -17.94 -33.49 8.06
N PRO B 80 -18.58 -34.39 8.82
CA PRO B 80 -19.25 -33.96 10.06
C PRO B 80 -18.34 -33.31 11.10
N GLU B 81 -17.21 -33.93 11.44
CA GLU B 81 -16.40 -33.39 12.54
C GLU B 81 -15.79 -32.04 12.16
N GLN B 82 -15.38 -31.88 10.90
CA GLN B 82 -14.93 -30.58 10.41
C GLN B 82 -16.03 -29.52 10.62
N LEU B 83 -17.24 -29.82 10.17
CA LEU B 83 -18.36 -28.90 10.34
C LEU B 83 -18.61 -28.59 11.80
N LEU B 84 -18.63 -29.63 12.65
CA LEU B 84 -19.04 -29.48 14.03
C LEU B 84 -18.10 -28.57 14.83
N SER B 85 -16.79 -28.68 14.58
CA SER B 85 -15.87 -27.81 15.30
C SER B 85 -15.97 -26.37 14.82
N GLN B 86 -16.27 -26.16 13.53
CA GLN B 86 -16.56 -24.82 13.05
C GLN B 86 -17.86 -24.29 13.64
N ALA B 87 -18.86 -25.17 13.75
CA ALA B 87 -20.14 -24.78 14.33
C ALA B 87 -19.99 -24.45 15.81
N ARG B 88 -19.31 -25.32 16.57
CA ARG B 88 -19.10 -25.07 17.99
C ARG B 88 -18.37 -23.75 18.23
N ASP B 89 -17.32 -23.47 17.45
CA ASP B 89 -16.61 -22.20 17.60
C ASP B 89 -17.53 -21.01 17.39
N PHE B 90 -18.36 -21.07 16.33
CA PHE B 90 -19.26 -19.95 16.06
C PHE B 90 -20.29 -19.79 17.17
N ILE B 91 -20.94 -20.89 17.58
CA ILE B 91 -21.90 -20.84 18.68
C ILE B 91 -21.24 -20.25 19.93
N ASN B 92 -20.03 -20.70 20.25
CA ASN B 92 -19.28 -20.13 21.37
C ASN B 92 -19.07 -18.62 21.18
N GLN B 93 -18.67 -18.19 19.98
CA GLN B 93 -18.55 -16.77 19.70
C GLN B 93 -19.85 -16.06 20.00
N TYR B 94 -20.96 -16.63 19.50
CA TYR B 94 -22.26 -16.00 19.66
C TYR B 94 -22.60 -15.82 21.13
N TYR B 95 -22.47 -16.87 21.94
CA TYR B 95 -22.87 -16.72 23.34
C TYR B 95 -21.93 -15.80 24.11
N SER B 96 -20.68 -15.66 23.67
CA SER B 96 -19.80 -14.68 24.30
CA SER B 96 -19.80 -14.68 24.30
C SER B 96 -20.22 -13.26 23.95
N SER B 97 -20.66 -13.03 22.71
CA SER B 97 -21.07 -11.70 22.30
C SER B 97 -22.23 -11.16 23.13
N ILE B 98 -23.06 -12.04 23.69
CA ILE B 98 -24.20 -11.61 24.50
C ILE B 98 -23.96 -11.83 25.99
N LYS B 99 -22.73 -12.12 26.40
CA LYS B 99 -22.33 -12.26 27.80
C LYS B 99 -23.07 -13.39 28.51
N ARG B 100 -23.54 -14.40 27.77
CA ARG B 100 -24.25 -15.54 28.34
C ARG B 100 -23.46 -16.83 28.15
N SER B 101 -22.14 -16.74 28.21
CA SER B 101 -21.30 -17.92 28.05
CA SER B 101 -21.29 -17.91 28.06
C SER B 101 -21.51 -18.88 29.22
N GLY B 102 -21.64 -20.16 28.89
CA GLY B 102 -21.86 -21.19 29.90
C GLY B 102 -23.25 -21.23 30.50
N SER B 103 -24.16 -20.39 30.04
CA SER B 103 -25.55 -20.42 30.46
C SER B 103 -26.24 -21.68 29.94
N GLN B 104 -27.41 -21.99 30.53
CA GLN B 104 -28.17 -23.15 30.07
C GLN B 104 -28.52 -23.04 28.59
N ALA B 105 -28.77 -21.82 28.12
CA ALA B 105 -29.07 -21.62 26.70
C ALA B 105 -27.87 -21.96 25.83
N HIS B 106 -26.68 -21.49 26.22
CA HIS B 106 -25.46 -21.86 25.51
C HIS B 106 -25.29 -23.38 25.43
N GLU B 107 -25.34 -24.06 26.58
CA GLU B 107 -25.17 -25.51 26.61
C GLU B 107 -26.21 -26.20 25.73
N GLN B 108 -27.46 -25.74 25.79
CA GLN B 108 -28.53 -26.37 25.02
C GLN B 108 -28.30 -26.19 23.52
N ARG B 109 -27.84 -25.02 23.10
CA ARG B 109 -27.64 -24.79 21.67
C ARG B 109 -26.54 -25.70 21.12
N LEU B 110 -25.42 -25.84 21.83
CA LEU B 110 -24.34 -26.72 21.38
C LEU B 110 -24.83 -28.16 21.22
N GLN B 111 -25.62 -28.65 22.17
CA GLN B 111 -26.18 -29.99 22.07
C GLN B 111 -27.14 -30.10 20.89
N GLU B 112 -27.97 -29.08 20.69
CA GLU B 112 -28.93 -29.10 19.60
C GLU B 112 -28.23 -29.11 18.24
N VAL B 113 -27.17 -28.31 18.08
CA VAL B 113 -26.45 -28.29 16.80
C VAL B 113 -25.73 -29.63 16.58
N GLU B 114 -25.12 -30.16 17.64
CA GLU B 114 -24.43 -31.44 17.53
C GLU B 114 -25.39 -32.55 17.14
N ALA B 115 -26.63 -32.49 17.60
CA ALA B 115 -27.59 -33.54 17.25
C ALA B 115 -28.14 -33.33 15.84
N GLU B 116 -28.34 -32.07 15.44
CA GLU B 116 -28.81 -31.78 14.08
C GLU B 116 -27.80 -32.25 13.04
N VAL B 117 -26.51 -31.98 13.26
CA VAL B 117 -25.49 -32.39 12.29
C VAL B 117 -25.43 -33.92 12.19
N ALA B 118 -25.63 -34.62 13.31
CA ALA B 118 -25.61 -36.08 13.29
C ALA B 118 -26.81 -36.66 12.56
N ALA B 119 -27.96 -35.99 12.61
CA ALA B 119 -29.16 -36.52 11.99
C ALA B 119 -29.30 -36.08 10.52
N THR B 120 -28.90 -34.86 10.19
CA THR B 120 -29.11 -34.31 8.86
C THR B 120 -27.83 -34.03 8.08
N GLY B 121 -26.66 -34.10 8.71
CA GLY B 121 -25.42 -33.72 8.07
C GLY B 121 -25.14 -32.23 8.03
N THR B 122 -26.04 -31.41 8.57
CA THR B 122 -25.85 -29.96 8.61
C THR B 122 -26.73 -29.41 9.74
N TYR B 123 -26.90 -28.09 9.76
CA TYR B 123 -27.74 -27.50 10.79
C TYR B 123 -28.21 -26.14 10.27
N GLN B 124 -29.19 -25.58 10.97
CA GLN B 124 -29.80 -24.31 10.62
C GLN B 124 -29.50 -23.28 11.69
N LEU B 125 -29.11 -22.08 11.29
CA LEU B 125 -28.89 -21.02 12.26
C LEU B 125 -30.22 -20.45 12.75
N ARG B 126 -30.25 -20.10 14.03
CA ARG B 126 -31.33 -19.25 14.52
C ARG B 126 -31.18 -17.85 13.95
N GLU B 127 -32.31 -17.13 13.90
CA GLU B 127 -32.28 -15.79 13.30
C GLU B 127 -31.26 -14.88 13.98
N SER B 128 -31.21 -14.92 15.31
CA SER B 128 -30.27 -14.06 16.03
CA SER B 128 -30.27 -14.07 16.05
C SER B 128 -28.83 -14.43 15.72
N GLU B 129 -28.57 -15.72 15.49
CA GLU B 129 -27.23 -16.18 15.13
C GLU B 129 -26.84 -15.70 13.74
N LEU B 130 -27.79 -15.77 12.80
CA LEU B 130 -27.53 -15.26 11.46
C LEU B 130 -27.19 -13.77 11.49
N VAL B 131 -27.92 -12.99 12.29
CA VAL B 131 -27.68 -11.57 12.40
C VAL B 131 -26.29 -11.31 12.95
N PHE B 132 -25.95 -11.96 14.06
CA PHE B 132 -24.61 -11.84 14.60
C PHE B 132 -23.57 -12.29 13.58
N GLY B 133 -23.83 -13.39 12.90
CA GLY B 133 -22.83 -13.94 11.97
C GLY B 133 -22.53 -13.00 10.81
N ALA B 134 -23.56 -12.38 10.24
CA ALA B 134 -23.37 -11.43 9.15
C ALA B 134 -22.58 -10.22 9.60
N LYS B 135 -22.89 -9.67 10.78
CA LYS B 135 -22.14 -8.52 11.28
C LYS B 135 -20.69 -8.91 11.56
N GLN B 136 -20.46 -10.11 12.09
CA GLN B 136 -19.09 -10.57 12.31
C GLN B 136 -18.32 -10.70 11.01
N ALA B 137 -18.96 -11.22 9.95
CA ALA B 137 -18.25 -11.37 8.68
C ALA B 137 -17.79 -10.01 8.15
N TRP B 138 -18.64 -9.00 8.29
CA TRP B 138 -18.26 -7.64 7.90
C TRP B 138 -17.13 -7.12 8.78
N ARG B 139 -17.31 -7.25 10.09
CA ARG B 139 -16.28 -6.87 11.05
C ARG B 139 -14.93 -7.52 10.73
N ASN B 140 -14.95 -8.74 10.19
CA ASN B 140 -13.74 -9.52 9.95
C ASN B 140 -13.09 -9.22 8.59
N ALA B 141 -13.72 -8.43 7.73
CA ALA B 141 -13.22 -8.29 6.35
C ALA B 141 -12.00 -7.37 6.29
N PRO B 142 -10.82 -7.92 6.00
CA PRO B 142 -9.59 -7.12 6.13
C PRO B 142 -9.51 -5.95 5.15
N ARG B 143 -10.13 -6.05 3.98
CA ARG B 143 -10.05 -4.98 2.98
C ARG B 143 -11.10 -3.88 3.11
N CYS B 144 -11.94 -3.89 4.15
CA CYS B 144 -13.03 -2.93 4.28
C CYS B 144 -12.63 -1.80 5.22
N VAL B 145 -12.51 -0.59 4.68
CA VAL B 145 -12.23 0.60 5.48
C VAL B 145 -13.48 1.09 6.19
N GLY B 146 -14.66 0.60 5.84
CA GLY B 146 -15.87 1.10 6.45
C GLY B 146 -16.31 0.42 7.73
N ARG B 147 -15.46 -0.36 8.38
CA ARG B 147 -15.97 -1.27 9.40
C ARG B 147 -16.35 -0.63 10.72
N ILE B 148 -16.12 0.69 10.91
CA ILE B 148 -16.64 1.38 12.10
C ILE B 148 -18.15 1.17 12.19
N GLN B 149 -18.80 0.91 11.06
CA GLN B 149 -20.24 0.76 10.92
C GLN B 149 -20.73 -0.67 11.19
N TRP B 150 -19.84 -1.60 11.59
CA TRP B 150 -20.14 -3.03 11.46
C TRP B 150 -21.34 -3.44 12.31
N GLY B 151 -21.53 -2.79 13.46
CA GLY B 151 -22.64 -3.13 14.33
C GLY B 151 -23.98 -2.63 13.86
N LYS B 152 -24.04 -1.81 12.82
CA LYS B 152 -25.30 -1.26 12.31
C LYS B 152 -25.51 -1.85 10.92
N LEU B 153 -26.26 -2.94 10.86
CA LEU B 153 -26.45 -3.69 9.63
C LEU B 153 -27.84 -4.28 9.66
N GLN B 154 -28.66 -3.99 8.67
CA GLN B 154 -29.98 -4.61 8.57
C GLN B 154 -29.84 -5.95 7.84
N VAL B 155 -30.34 -7.01 8.46
CA VAL B 155 -30.17 -8.38 7.96
C VAL B 155 -31.53 -8.90 7.55
N PHE B 156 -31.75 -9.03 6.24
CA PHE B 156 -32.98 -9.61 5.72
C PHE B 156 -32.82 -11.12 5.61
N ASP B 157 -33.69 -11.87 6.28
CA ASP B 157 -33.61 -13.32 6.29
C ASP B 157 -34.44 -13.84 5.12
N ALA B 158 -33.75 -14.19 4.03
CA ALA B 158 -34.42 -14.76 2.87
C ALA B 158 -34.18 -16.26 2.75
N ARG B 159 -33.86 -16.93 3.87
CA ARG B 159 -33.58 -18.35 3.77
C ARG B 159 -34.80 -19.20 3.42
N ASP B 160 -36.00 -18.61 3.31
CA ASP B 160 -37.19 -19.33 2.86
C ASP B 160 -37.43 -19.19 1.37
N CYS B 161 -36.62 -18.40 0.68
CA CYS B 161 -36.82 -18.14 -0.75
C CYS B 161 -36.85 -19.44 -1.55
N ARG B 162 -37.75 -19.52 -2.52
CA ARG B 162 -37.89 -20.72 -3.33
C ARG B 162 -37.54 -20.51 -4.80
N SER B 163 -37.84 -19.35 -5.37
CA SER B 163 -37.74 -19.18 -6.81
C SER B 163 -36.91 -17.95 -7.14
N ALA B 164 -36.53 -17.84 -8.42
CA ALA B 164 -35.84 -16.65 -8.90
C ALA B 164 -36.75 -15.43 -8.83
N GLN B 165 -38.02 -15.59 -9.18
CA GLN B 165 -38.99 -14.49 -9.00
C GLN B 165 -38.98 -13.97 -7.57
N GLU B 166 -39.00 -14.87 -6.59
CA GLU B 166 -38.95 -14.45 -5.20
C GLU B 166 -37.59 -13.86 -4.83
N MET B 167 -36.49 -14.34 -5.43
CA MET B 167 -35.21 -13.66 -5.22
C MET B 167 -35.29 -12.22 -5.67
N PHE B 168 -35.96 -11.99 -6.79
CA PHE B 168 -36.09 -10.63 -7.31
C PHE B 168 -36.90 -9.76 -6.35
N THR B 169 -37.93 -10.33 -5.71
CA THR B 169 -38.70 -9.58 -4.72
C THR B 169 -37.83 -9.16 -3.54
N TYR B 170 -37.03 -10.09 -3.02
CA TYR B 170 -36.16 -9.75 -1.89
C TYR B 170 -35.10 -8.71 -2.28
N ILE B 171 -34.54 -8.83 -3.48
CA ILE B 171 -33.50 -7.89 -3.92
C ILE B 171 -34.09 -6.49 -4.13
N CYS B 172 -35.30 -6.41 -4.68
CA CYS B 172 -35.93 -5.10 -4.82
C CYS B 172 -36.22 -4.47 -3.46
N ASN B 173 -36.73 -5.27 -2.51
CA ASN B 173 -36.95 -4.75 -1.16
C ASN B 173 -35.65 -4.30 -0.50
N HIS B 174 -34.59 -5.10 -0.64
CA HIS B 174 -33.26 -4.70 -0.17
C HIS B 174 -32.87 -3.34 -0.76
N ILE B 175 -32.96 -3.22 -2.08
CA ILE B 175 -32.51 -1.99 -2.73
C ILE B 175 -33.30 -0.79 -2.23
N LYS B 176 -34.63 -0.94 -2.11
CA LYS B 176 -35.47 0.14 -1.64
C LYS B 176 -35.12 0.52 -0.22
N TYR B 177 -34.98 -0.46 0.67
CA TYR B 177 -34.63 -0.19 2.06
C TYR B 177 -33.27 0.48 2.15
N ALA B 178 -32.27 -0.07 1.45
CA ALA B 178 -30.90 0.41 1.58
C ALA B 178 -30.75 1.82 1.00
N THR B 179 -31.45 2.08 -0.11
CA THR B 179 -31.33 3.39 -0.77
C THR B 179 -32.02 4.49 0.02
N ASN B 180 -33.25 4.24 0.45
CA ASN B 180 -33.94 5.13 1.39
C ASN B 180 -33.94 6.57 0.91
N ARG B 181 -34.25 6.74 -0.39
CA ARG B 181 -34.31 8.05 -1.05
C ARG B 181 -33.02 8.86 -0.91
N GLY B 182 -31.89 8.18 -0.72
CA GLY B 182 -30.60 8.83 -0.63
C GLY B 182 -29.96 8.78 0.74
N ASN B 183 -30.74 8.51 1.78
CA ASN B 183 -30.18 8.42 3.14
C ASN B 183 -29.83 6.95 3.39
N LEU B 184 -28.67 6.56 2.91
CA LEU B 184 -28.38 5.15 2.72
C LEU B 184 -28.21 4.42 4.05
N ARG B 185 -28.68 3.16 4.06
CA ARG B 185 -28.62 2.29 5.22
C ARG B 185 -27.97 0.97 4.81
N SER B 186 -26.99 0.50 5.59
CA SER B 186 -26.31 -0.76 5.28
C SER B 186 -27.25 -1.93 5.44
N ALA B 187 -27.19 -2.88 4.51
CA ALA B 187 -28.07 -4.04 4.58
C ALA B 187 -27.42 -5.24 3.91
N ILE B 188 -27.86 -6.43 4.35
CA ILE B 188 -27.53 -7.69 3.68
C ILE B 188 -28.80 -8.52 3.61
N THR B 189 -28.99 -9.20 2.49
CA THR B 189 -30.04 -10.21 2.32
C THR B 189 -29.37 -11.56 2.16
N VAL B 190 -29.77 -12.56 2.94
CA VAL B 190 -29.10 -13.85 2.85
C VAL B 190 -30.09 -14.90 2.39
N PHE B 191 -29.80 -15.50 1.23
CA PHE B 191 -30.61 -16.52 0.61
C PHE B 191 -30.23 -17.89 1.18
N PRO B 192 -30.94 -18.96 0.81
CA PRO B 192 -30.72 -20.25 1.48
C PRO B 192 -29.28 -20.74 1.35
N GLN B 193 -28.83 -21.47 2.37
CA GLN B 193 -27.47 -21.97 2.40
C GLN B 193 -27.25 -23.09 1.40
N ARG B 194 -25.98 -23.30 1.05
CA ARG B 194 -25.58 -24.42 0.23
C ARG B 194 -25.97 -25.74 0.88
N CYS B 195 -26.36 -26.71 0.06
CA CYS B 195 -26.82 -27.99 0.58
C CYS B 195 -26.42 -29.11 -0.39
N PRO B 196 -25.87 -30.22 0.10
CA PRO B 196 -25.46 -31.30 -0.82
C PRO B 196 -26.63 -31.81 -1.67
N GLY B 197 -26.36 -31.99 -2.96
CA GLY B 197 -27.37 -32.49 -3.88
C GLY B 197 -28.23 -31.42 -4.56
N ARG B 198 -28.17 -30.17 -4.11
CA ARG B 198 -28.95 -29.09 -4.73
C ARG B 198 -28.00 -28.05 -5.30
N GLY B 199 -28.43 -27.43 -6.40
CA GLY B 199 -27.74 -26.27 -6.89
C GLY B 199 -27.80 -25.10 -5.91
N ASP B 200 -26.87 -24.18 -6.09
CA ASP B 200 -26.79 -22.97 -5.28
C ASP B 200 -27.76 -21.91 -5.78
N PHE B 201 -28.25 -21.10 -4.86
CA PHE B 201 -28.70 -19.76 -5.25
C PHE B 201 -27.46 -18.93 -5.62
N ARG B 202 -27.50 -18.26 -6.78
CA ARG B 202 -26.45 -17.35 -7.15
C ARG B 202 -27.05 -16.11 -7.78
N ILE B 203 -26.43 -14.97 -7.55
CA ILE B 203 -26.65 -13.78 -8.37
C ILE B 203 -25.48 -13.70 -9.33
N TRP B 204 -25.77 -13.73 -10.63
CA TRP B 204 -24.68 -13.70 -11.59
C TRP B 204 -23.97 -12.34 -11.64
N ASN B 205 -24.70 -11.24 -11.42
CA ASN B 205 -24.10 -9.90 -11.44
C ASN B 205 -23.11 -9.71 -10.30
N SER B 206 -22.04 -8.95 -10.57
CA SER B 206 -21.06 -8.66 -9.52
C SER B 206 -21.58 -7.65 -8.50
N GLN B 207 -22.49 -6.75 -8.91
CA GLN B 207 -23.20 -5.85 -8.02
C GLN B 207 -24.65 -5.80 -8.47
N LEU B 208 -25.53 -5.40 -7.55
CA LEU B 208 -26.94 -5.24 -7.94
C LEU B 208 -27.12 -4.15 -8.99
N VAL B 209 -26.38 -3.04 -8.88
CA VAL B 209 -26.38 -1.99 -9.90
C VAL B 209 -25.03 -1.98 -10.61
N ARG B 210 -25.05 -2.15 -11.93
CA ARG B 210 -23.85 -2.06 -12.75
C ARG B 210 -24.22 -1.44 -14.08
N TYR B 211 -23.27 -0.69 -14.67
CA TYR B 211 -23.46 -0.16 -16.01
C TYR B 211 -22.93 -1.13 -17.06
N ALA B 212 -23.68 -1.27 -18.16
CA ALA B 212 -23.25 -2.13 -19.25
C ALA B 212 -21.92 -1.68 -19.83
N GLY B 213 -21.21 -2.65 -20.41
CA GLY B 213 -20.03 -2.38 -21.20
C GLY B 213 -20.17 -3.09 -22.54
N TYR B 214 -20.07 -2.32 -23.63
CA TYR B 214 -20.21 -2.84 -24.98
C TYR B 214 -18.86 -2.78 -25.67
N ARG B 215 -18.34 -3.93 -26.06
CA ARG B 215 -17.03 -3.98 -26.70
C ARG B 215 -17.14 -3.51 -28.15
N GLN B 216 -16.26 -2.59 -28.54
CA GLN B 216 -16.27 -1.99 -29.87
C GLN B 216 -15.40 -2.78 -30.84
N GLN B 217 -15.37 -2.33 -32.10
CA GLN B 217 -14.53 -2.96 -33.11
C GLN B 217 -13.05 -2.72 -32.83
N ASP B 218 -12.69 -1.47 -32.53
CA ASP B 218 -11.32 -1.07 -32.23
C ASP B 218 -10.76 -1.68 -30.96
N GLY B 219 -11.52 -2.52 -30.25
CA GLY B 219 -11.11 -3.03 -28.97
C GLY B 219 -11.56 -2.22 -27.76
N SER B 220 -11.98 -0.98 -27.96
CA SER B 220 -12.41 -0.15 -26.84
C SER B 220 -13.82 -0.56 -26.38
N VAL B 221 -14.28 0.08 -25.31
CA VAL B 221 -15.53 -0.27 -24.68
C VAL B 221 -16.39 0.97 -24.56
N ARG B 222 -17.65 0.87 -24.99
CA ARG B 222 -18.64 1.87 -24.64
C ARG B 222 -19.27 1.45 -23.32
N GLY B 223 -19.19 2.33 -22.32
CA GLY B 223 -19.65 2.01 -20.99
C GLY B 223 -18.54 1.52 -20.08
N ASP B 224 -18.86 0.61 -19.15
CA ASP B 224 -17.92 0.20 -18.12
C ASP B 224 -17.14 -1.03 -18.57
N PRO B 225 -15.83 -0.93 -18.85
CA PRO B 225 -15.09 -2.12 -19.27
C PRO B 225 -15.11 -3.25 -18.26
N ALA B 226 -15.40 -2.97 -16.99
CA ALA B 226 -15.41 -4.03 -15.99
C ALA B 226 -16.58 -5.00 -16.18
N ASN B 227 -17.58 -4.63 -16.98
CA ASN B 227 -18.84 -5.37 -17.05
C ASN B 227 -19.10 -5.96 -18.43
N VAL B 228 -18.06 -6.05 -19.27
CA VAL B 228 -18.22 -6.60 -20.61
C VAL B 228 -18.71 -8.04 -20.55
N GLU B 229 -18.21 -8.82 -19.59
CA GLU B 229 -18.59 -10.24 -19.50
C GLU B 229 -20.06 -10.40 -19.15
N ILE B 230 -20.51 -9.70 -18.09
CA ILE B 230 -21.90 -9.85 -17.66
C ILE B 230 -22.85 -9.19 -18.67
N THR B 231 -22.38 -8.14 -19.37
CA THR B 231 -23.20 -7.54 -20.41
C THR B 231 -23.51 -8.56 -21.50
N GLU B 232 -22.47 -9.23 -22.00
CA GLU B 232 -22.68 -10.22 -23.03
C GLU B 232 -23.51 -11.38 -22.52
N LEU B 233 -23.35 -11.74 -21.24
CA LEU B 233 -24.19 -12.82 -20.70
C LEU B 233 -25.65 -12.41 -20.66
N CYS B 234 -25.91 -11.12 -20.36
CA CYS B 234 -27.30 -10.64 -20.35
C CYS B 234 -27.90 -10.64 -21.74
N ILE B 235 -27.11 -10.25 -22.75
CA ILE B 235 -27.60 -10.28 -24.13
C ILE B 235 -27.87 -11.72 -24.57
N GLN B 236 -27.01 -12.65 -24.17
CA GLN B 236 -27.22 -14.05 -24.52
C GLN B 236 -28.41 -14.67 -23.78
N HIS B 237 -28.93 -14.05 -22.73
CA HIS B 237 -30.16 -14.51 -22.10
C HIS B 237 -31.36 -13.66 -22.50
N GLY B 238 -31.24 -12.86 -23.56
CA GLY B 238 -32.38 -12.17 -24.12
C GLY B 238 -32.51 -10.69 -23.83
N TRP B 239 -31.62 -10.09 -23.04
CA TRP B 239 -31.70 -8.66 -22.83
C TRP B 239 -31.49 -7.93 -24.15
N THR B 240 -32.35 -6.96 -24.43
CA THR B 240 -32.09 -6.09 -25.57
C THR B 240 -31.16 -4.98 -25.12
N PRO B 241 -29.92 -4.93 -25.63
CA PRO B 241 -28.94 -3.99 -25.11
C PRO B 241 -29.19 -2.58 -25.60
N GLY B 242 -28.83 -1.61 -24.76
CA GLY B 242 -28.78 -0.23 -25.17
C GLY B 242 -27.47 0.01 -25.91
N ASN B 243 -27.11 1.28 -26.02
CA ASN B 243 -25.75 1.57 -26.49
C ASN B 243 -25.21 2.83 -25.83
N GLY B 244 -25.65 3.11 -24.60
CA GLY B 244 -25.16 4.25 -23.86
C GLY B 244 -23.97 3.88 -22.97
N ARG B 245 -23.43 4.91 -22.32
CA ARG B 245 -22.29 4.77 -21.42
C ARG B 245 -22.70 4.42 -20.00
N PHE B 246 -23.99 4.52 -19.68
CA PHE B 246 -24.47 4.34 -18.32
C PHE B 246 -25.81 3.57 -18.34
N ASP B 247 -25.87 2.50 -19.13
CA ASP B 247 -27.06 1.64 -19.18
C ASP B 247 -27.04 0.67 -18.00
N VAL B 248 -28.05 0.75 -17.15
CA VAL B 248 -28.13 -0.14 -15.99
C VAL B 248 -28.44 -1.56 -16.46
N LEU B 249 -27.61 -2.55 -16.02
CA LEU B 249 -27.80 -3.91 -16.49
C LEU B 249 -28.99 -4.58 -15.81
N PRO B 250 -29.59 -5.58 -16.45
CA PRO B 250 -30.58 -6.42 -15.75
C PRO B 250 -29.90 -7.38 -14.80
N LEU B 251 -30.70 -7.98 -13.93
CA LEU B 251 -30.17 -8.97 -13.01
C LEU B 251 -30.34 -10.37 -13.59
N LEU B 252 -29.30 -11.18 -13.47
CA LEU B 252 -29.34 -12.59 -13.82
C LEU B 252 -29.39 -13.37 -12.50
N LEU B 253 -30.57 -13.94 -12.21
CA LEU B 253 -30.81 -14.59 -10.92
C LEU B 253 -30.98 -16.09 -11.12
N GLN B 254 -30.25 -16.87 -10.31
CA GLN B 254 -30.24 -18.33 -10.43
C GLN B 254 -30.76 -18.93 -9.12
N ALA B 255 -31.92 -19.58 -9.21
CA ALA B 255 -32.49 -20.46 -8.19
C ALA B 255 -31.93 -21.85 -8.37
N PRO B 256 -31.92 -22.69 -7.32
CA PRO B 256 -31.24 -23.99 -7.40
C PRO B 256 -31.73 -24.84 -8.56
N ASP B 257 -30.76 -25.38 -9.30
CA ASP B 257 -31.00 -26.32 -10.39
C ASP B 257 -31.82 -25.72 -11.52
N GLU B 258 -31.94 -24.41 -11.57
CA GLU B 258 -32.58 -23.71 -12.66
C GLU B 258 -31.52 -22.93 -13.44
N PRO B 259 -31.74 -22.67 -14.73
CA PRO B 259 -30.87 -21.75 -15.44
C PRO B 259 -31.13 -20.33 -14.95
N PRO B 260 -30.18 -19.42 -15.11
CA PRO B 260 -30.42 -18.05 -14.64
C PRO B 260 -31.59 -17.44 -15.40
N GLU B 261 -32.29 -16.54 -14.72
CA GLU B 261 -33.46 -15.84 -15.25
C GLU B 261 -33.22 -14.33 -15.15
N LEU B 262 -33.66 -13.60 -16.18
CA LEU B 262 -33.33 -12.19 -16.36
C LEU B 262 -34.45 -11.32 -15.78
N PHE B 263 -34.08 -10.37 -14.91
CA PHE B 263 -35.02 -9.44 -14.31
C PHE B 263 -34.53 -8.01 -14.47
N LEU B 264 -35.41 -7.15 -14.98
CA LEU B 264 -35.10 -5.73 -15.18
C LEU B 264 -35.43 -4.95 -13.91
N LEU B 265 -34.47 -4.16 -13.43
CA LEU B 265 -34.73 -3.32 -12.26
C LEU B 265 -35.62 -2.14 -12.66
N PRO B 266 -36.76 -1.93 -12.00
CA PRO B 266 -37.57 -0.72 -12.25
C PRO B 266 -36.73 0.53 -12.08
N PRO B 267 -36.75 1.44 -13.04
CA PRO B 267 -35.87 2.62 -12.97
C PRO B 267 -36.03 3.44 -11.70
N GLU B 268 -37.22 3.44 -11.09
CA GLU B 268 -37.40 4.22 -9.87
C GLU B 268 -36.69 3.60 -8.68
N LEU B 269 -36.32 2.32 -8.76
CA LEU B 269 -35.54 1.67 -7.71
C LEU B 269 -34.08 2.10 -7.73
N VAL B 270 -33.55 2.44 -8.91
CA VAL B 270 -32.12 2.68 -9.09
C VAL B 270 -31.90 4.19 -9.02
N LEU B 271 -31.49 4.69 -7.86
CA LEU B 271 -31.21 6.11 -7.69
C LEU B 271 -29.83 6.42 -8.27
N GLU B 272 -29.76 7.45 -9.11
CA GLU B 272 -28.51 7.83 -9.76
C GLU B 272 -28.22 9.29 -9.46
N VAL B 273 -26.96 9.65 -9.57
CA VAL B 273 -26.48 10.99 -9.27
C VAL B 273 -25.81 11.58 -10.51
N PRO B 274 -26.37 12.61 -11.14
CA PRO B 274 -25.65 13.29 -12.22
C PRO B 274 -24.46 14.03 -11.64
N LEU B 275 -23.33 13.99 -12.34
CA LEU B 275 -22.10 14.58 -11.82
C LEU B 275 -21.91 16.00 -12.35
N GLU B 276 -21.72 16.94 -11.44
CA GLU B 276 -21.38 18.30 -11.79
C GLU B 276 -20.24 18.73 -10.88
N HIS B 277 -19.60 19.85 -11.24
CA HIS B 277 -18.48 20.34 -10.43
C HIS B 277 -18.80 21.73 -9.92
N PRO B 278 -18.50 22.04 -8.65
CA PRO B 278 -18.98 23.32 -8.08
C PRO B 278 -18.46 24.57 -8.78
N THR B 279 -17.28 24.53 -9.41
CA THR B 279 -16.79 25.69 -10.15
C THR B 279 -16.38 25.42 -11.59
N LEU B 280 -16.44 24.19 -12.08
CA LEU B 280 -16.09 23.95 -13.48
C LEU B 280 -17.41 23.64 -14.18
N GLU B 281 -18.02 24.70 -14.74
CA GLU B 281 -19.42 24.58 -15.16
C GLU B 281 -19.59 23.65 -16.34
N TRP B 282 -18.58 23.53 -17.20
CA TRP B 282 -18.67 22.57 -18.30
C TRP B 282 -18.67 21.13 -17.83
N PHE B 283 -18.33 20.86 -16.57
CA PHE B 283 -18.22 19.47 -16.13
C PHE B 283 -19.55 18.75 -16.25
N ALA B 284 -20.64 19.44 -15.89
CA ALA B 284 -21.97 18.82 -15.94
C ALA B 284 -22.36 18.44 -17.37
N ALA B 285 -21.87 19.18 -18.35
CA ALA B 285 -22.19 18.89 -19.75
C ALA B 285 -21.55 17.60 -20.23
N LEU B 286 -20.57 17.07 -19.51
CA LEU B 286 -19.96 15.80 -19.86
C LEU B 286 -20.96 14.64 -19.82
N GLY B 287 -22.05 14.79 -19.08
CA GLY B 287 -23.03 13.73 -19.00
C GLY B 287 -22.64 12.56 -18.11
N LEU B 288 -21.64 12.72 -17.26
CA LEU B 288 -21.23 11.65 -16.36
C LEU B 288 -22.27 11.48 -15.26
N ARG B 289 -22.44 10.23 -14.81
CA ARG B 289 -23.29 9.94 -13.66
C ARG B 289 -22.76 8.70 -12.96
N TRP B 290 -23.26 8.47 -11.76
CA TRP B 290 -23.03 7.20 -11.08
C TRP B 290 -24.25 6.88 -10.23
N TYR B 291 -24.29 5.66 -9.71
CA TYR B 291 -25.45 5.20 -8.97
C TYR B 291 -25.20 5.33 -7.46
N ALA B 292 -26.29 5.42 -6.71
CA ALA B 292 -26.17 5.69 -5.28
C ALA B 292 -25.68 4.48 -4.50
N LEU B 293 -26.11 3.28 -4.87
CA LEU B 293 -26.01 2.13 -3.97
C LEU B 293 -24.92 1.16 -4.39
N PRO B 294 -23.83 1.02 -3.63
CA PRO B 294 -22.87 -0.07 -3.88
C PRO B 294 -23.34 -1.34 -3.17
N ALA B 295 -23.73 -2.34 -3.96
CA ALA B 295 -24.36 -3.55 -3.43
C ALA B 295 -23.69 -4.76 -4.06
N VAL B 296 -22.75 -5.37 -3.33
CA VAL B 296 -21.93 -6.45 -3.85
C VAL B 296 -22.72 -7.75 -3.75
N SER B 297 -22.81 -8.48 -4.87
CA SER B 297 -23.65 -9.67 -4.95
C SER B 297 -22.93 -10.94 -5.38
N ASN B 298 -21.60 -10.94 -5.45
CA ASN B 298 -20.89 -12.11 -5.97
C ASN B 298 -20.00 -12.77 -4.93
N MET B 299 -20.12 -12.39 -3.65
CA MET B 299 -19.30 -13.00 -2.62
C MET B 299 -20.07 -14.06 -1.86
N LEU B 300 -19.32 -14.99 -1.25
CA LEU B 300 -19.90 -16.03 -0.42
C LEU B 300 -19.77 -15.62 1.04
N LEU B 301 -20.85 -15.75 1.79
CA LEU B 301 -20.86 -15.53 3.23
C LEU B 301 -20.70 -16.88 3.93
N GLU B 302 -19.71 -17.00 4.80
CA GLU B 302 -19.48 -18.24 5.53
C GLU B 302 -19.65 -17.98 7.02
N ILE B 303 -20.55 -18.76 7.65
CA ILE B 303 -20.88 -18.62 9.07
C ILE B 303 -20.88 -20.00 9.68
N GLY B 304 -19.99 -20.23 10.65
CA GLY B 304 -20.02 -21.49 11.41
C GLY B 304 -20.01 -22.73 10.55
N GLY B 305 -19.27 -22.71 9.44
CA GLY B 305 -19.18 -23.84 8.55
C GLY B 305 -20.25 -23.89 7.47
N LEU B 306 -21.34 -23.14 7.64
CA LEU B 306 -22.34 -23.05 6.59
C LEU B 306 -21.94 -22.00 5.55
N GLU B 307 -22.39 -22.22 4.32
CA GLU B 307 -22.01 -21.37 3.20
C GLU B 307 -23.26 -20.83 2.54
N PHE B 308 -23.30 -19.51 2.34
CA PHE B 308 -24.40 -18.80 1.70
C PHE B 308 -23.85 -18.18 0.43
N PRO B 309 -23.98 -18.87 -0.72
CA PRO B 309 -23.39 -18.35 -1.96
C PRO B 309 -24.09 -17.13 -2.50
N ALA B 310 -25.29 -16.82 -2.03
CA ALA B 310 -26.03 -15.63 -2.45
C ALA B 310 -26.41 -14.84 -1.20
N ALA B 311 -25.72 -13.76 -0.97
CA ALA B 311 -25.88 -12.95 0.23
C ALA B 311 -25.45 -11.52 -0.10
N PRO B 312 -26.19 -10.84 -0.97
CA PRO B 312 -25.77 -9.49 -1.38
C PRO B 312 -25.83 -8.50 -0.22
N PHE B 313 -24.81 -7.64 -0.14
CA PHE B 313 -24.70 -6.66 0.92
C PHE B 313 -24.40 -5.28 0.31
N SER B 314 -24.72 -4.23 1.04
CA SER B 314 -24.58 -2.89 0.53
C SER B 314 -24.27 -1.93 1.67
N GLY B 315 -23.53 -0.87 1.35
CA GLY B 315 -23.28 0.19 2.31
C GLY B 315 -23.52 1.53 1.63
N TRP B 316 -22.57 2.44 1.72
CA TRP B 316 -22.54 3.64 0.90
C TRP B 316 -21.13 3.85 0.38
N TYR B 317 -20.99 4.68 -0.64
CA TYR B 317 -19.72 4.85 -1.32
C TYR B 317 -18.74 5.72 -0.52
N MET B 318 -17.48 5.37 -0.61
CA MET B 318 -16.40 6.31 -0.37
C MET B 318 -16.02 6.91 -1.72
N SER B 319 -15.87 8.23 -1.76
CA SER B 319 -15.90 8.94 -3.04
C SER B 319 -14.74 8.54 -3.96
N THR B 320 -13.61 8.07 -3.42
CA THR B 320 -12.52 7.66 -4.29
C THR B 320 -12.85 6.39 -5.09
N GLU B 321 -13.78 5.56 -4.60
CA GLU B 321 -14.22 4.44 -5.42
C GLU B 321 -14.78 4.92 -6.75
N ILE B 322 -15.61 5.95 -6.71
CA ILE B 322 -16.22 6.49 -7.93
C ILE B 322 -15.23 7.36 -8.70
N GLY B 323 -14.66 8.38 -8.06
CA GLY B 323 -13.92 9.39 -8.79
C GLY B 323 -12.54 8.93 -9.23
N THR B 324 -11.86 8.15 -8.40
CA THR B 324 -10.52 7.74 -8.77
C THR B 324 -10.51 6.40 -9.50
N ARG B 325 -11.16 5.38 -8.92
CA ARG B 325 -11.10 4.05 -9.52
C ARG B 325 -12.05 3.91 -10.71
N ASN B 326 -13.37 4.07 -10.48
CA ASN B 326 -14.32 3.79 -11.56
C ASN B 326 -14.15 4.76 -12.73
N LEU B 327 -13.91 6.04 -12.45
CA LEU B 327 -13.82 7.03 -13.53
C LEU B 327 -12.40 7.22 -14.10
N CYS B 328 -11.34 7.10 -13.28
CA CYS B 328 -9.98 7.40 -13.76
C CYS B 328 -9.08 6.20 -14.02
N ASP B 329 -9.44 4.99 -13.59
CA ASP B 329 -8.59 3.84 -13.91
C ASP B 329 -8.43 3.75 -15.42
N PRO B 330 -7.22 3.48 -15.93
CA PRO B 330 -7.03 3.41 -17.38
C PRO B 330 -7.86 2.32 -18.03
N HIS B 331 -8.09 1.21 -17.31
CA HIS B 331 -8.90 0.11 -17.79
C HIS B 331 -10.36 0.22 -17.40
N ARG B 332 -10.78 1.39 -16.91
CA ARG B 332 -12.21 1.63 -16.66
C ARG B 332 -12.70 2.75 -17.58
N TYR B 333 -13.47 3.70 -17.05
CA TYR B 333 -13.97 4.78 -17.90
C TYR B 333 -12.84 5.68 -18.39
N ASN B 334 -11.74 5.77 -17.63
CA ASN B 334 -10.49 6.36 -18.15
C ASN B 334 -10.68 7.79 -18.65
N ILE B 335 -11.33 8.63 -17.82
CA ILE B 335 -11.66 9.98 -18.26
C ILE B 335 -10.61 11.01 -17.89
N LEU B 336 -9.52 10.59 -17.23
CA LEU B 336 -8.62 11.54 -16.58
C LEU B 336 -8.09 12.58 -17.57
N GLU B 337 -7.53 12.12 -18.69
CA GLU B 337 -6.86 13.03 -19.62
C GLU B 337 -7.83 13.98 -20.30
N ASP B 338 -9.06 13.50 -20.60
CA ASP B 338 -10.08 14.38 -21.14
C ASP B 338 -10.42 15.50 -20.17
N VAL B 339 -10.55 15.17 -18.88
CA VAL B 339 -10.84 16.21 -17.89
C VAL B 339 -9.68 17.19 -17.81
N ALA B 340 -8.44 16.68 -17.84
CA ALA B 340 -7.27 17.56 -17.80
C ALA B 340 -7.23 18.49 -18.99
N VAL B 341 -7.47 17.97 -20.19
CA VAL B 341 -7.52 18.81 -21.38
C VAL B 341 -8.60 19.88 -21.21
N CYS B 342 -9.77 19.49 -20.71
CA CYS B 342 -10.85 20.45 -20.51
C CYS B 342 -10.52 21.47 -19.42
N MET B 343 -9.67 21.09 -18.47
CA MET B 343 -9.22 22.06 -17.47
C MET B 343 -8.11 22.97 -17.98
N ASP B 344 -7.71 22.80 -19.24
CA ASP B 344 -6.64 23.61 -19.86
C ASP B 344 -5.31 23.38 -19.13
N LEU B 345 -5.09 22.15 -18.68
CA LEU B 345 -3.81 21.75 -18.12
C LEU B 345 -2.87 21.27 -19.24
N ASP B 346 -1.58 21.51 -19.04
CA ASP B 346 -0.56 21.11 -20.00
C ASP B 346 -0.29 19.62 -19.82
N THR B 347 -0.86 18.80 -20.70
CA THR B 347 -0.74 17.35 -20.60
C THR B 347 0.49 16.79 -21.32
N ARG B 348 1.40 17.65 -21.77
CA ARG B 348 2.56 17.16 -22.50
C ARG B 348 3.67 16.68 -21.56
N THR B 349 3.80 17.28 -20.37
CA THR B 349 4.80 16.88 -19.40
C THR B 349 4.12 16.39 -18.13
N THR B 350 4.66 15.32 -17.54
CA THR B 350 4.11 14.81 -16.30
C THR B 350 4.41 15.72 -15.13
N SER B 351 5.47 16.52 -15.20
CA SER B 351 5.92 17.28 -14.03
C SER B 351 5.02 18.47 -13.73
N SER B 352 4.06 18.80 -14.59
CA SER B 352 3.04 19.76 -14.18
C SER B 352 2.05 19.15 -13.20
N LEU B 353 2.10 17.82 -13.00
CA LEU B 353 1.15 17.10 -12.17
C LEU B 353 -0.29 17.32 -12.66
N TRP B 354 -0.47 17.41 -13.98
CA TRP B 354 -1.81 17.50 -14.54
C TRP B 354 -2.66 16.29 -14.14
N LYS B 355 -2.06 15.10 -14.05
CA LYS B 355 -2.85 13.94 -13.66
C LYS B 355 -3.42 14.12 -12.26
N ASP B 356 -2.58 14.59 -11.33
CA ASP B 356 -3.00 14.73 -9.95
C ASP B 356 -4.09 15.78 -9.81
N LYS B 357 -3.94 16.89 -10.54
CA LYS B 357 -4.91 17.97 -10.45
C LYS B 357 -6.26 17.59 -11.01
N ALA B 358 -6.27 16.93 -12.18
CA ALA B 358 -7.53 16.48 -12.76
C ALA B 358 -8.21 15.46 -11.84
N ALA B 359 -7.44 14.54 -11.24
CA ALA B 359 -8.08 13.50 -10.44
C ALA B 359 -8.70 14.09 -9.18
N VAL B 360 -8.01 15.03 -8.54
CA VAL B 360 -8.57 15.69 -7.37
C VAL B 360 -9.88 16.41 -7.72
N GLU B 361 -9.95 17.07 -8.89
CA GLU B 361 -11.19 17.78 -9.26
C GLU B 361 -12.33 16.81 -9.61
N ILE B 362 -12.03 15.65 -10.20
CA ILE B 362 -13.08 14.66 -10.42
C ILE B 362 -13.65 14.17 -9.10
N ASN B 363 -12.80 13.96 -8.10
CA ASN B 363 -13.26 13.53 -6.78
C ASN B 363 -14.09 14.61 -6.09
N VAL B 364 -13.68 15.88 -6.24
CA VAL B 364 -14.46 17.01 -5.73
C VAL B 364 -15.85 16.99 -6.35
N ALA B 365 -15.92 16.78 -7.67
CA ALA B 365 -17.20 16.71 -8.37
C ALA B 365 -18.10 15.61 -7.80
N VAL B 366 -17.52 14.42 -7.57
CA VAL B 366 -18.30 13.30 -7.01
C VAL B 366 -18.87 13.69 -5.66
N LEU B 367 -18.02 14.23 -4.78
CA LEU B 367 -18.48 14.61 -3.45
C LEU B 367 -19.53 15.71 -3.52
N HIS B 368 -19.28 16.71 -4.35
CA HIS B 368 -20.22 17.82 -4.48
C HIS B 368 -21.55 17.32 -5.02
N SER B 369 -21.50 16.42 -6.02
CA SER B 369 -22.72 15.99 -6.70
C SER B 369 -23.60 15.12 -5.79
N TYR B 370 -23.00 14.20 -5.03
CA TYR B 370 -23.78 13.37 -4.11
C TYR B 370 -24.38 14.20 -2.97
N GLN B 371 -23.60 15.13 -2.43
CA GLN B 371 -24.14 16.03 -1.42
C GLN B 371 -25.28 16.86 -1.99
N LEU B 372 -25.12 17.37 -3.21
CA LEU B 372 -26.19 18.12 -3.87
C LEU B 372 -27.43 17.25 -4.04
N ALA B 373 -27.24 15.99 -4.41
CA ALA B 373 -28.36 15.07 -4.59
C ALA B 373 -28.90 14.52 -3.28
N LYS B 374 -28.27 14.85 -2.14
CA LYS B 374 -28.62 14.28 -0.83
C LYS B 374 -28.51 12.76 -0.85
N VAL B 375 -27.42 12.25 -1.40
CA VAL B 375 -27.09 10.84 -1.37
C VAL B 375 -25.88 10.66 -0.48
N THR B 376 -25.98 9.78 0.52
CA THR B 376 -24.88 9.54 1.45
C THR B 376 -23.59 9.24 0.70
N ILE B 377 -22.50 9.86 1.13
CA ILE B 377 -21.18 9.55 0.61
C ILE B 377 -20.17 9.94 1.69
N VAL B 378 -19.01 9.28 1.68
CA VAL B 378 -17.95 9.64 2.60
C VAL B 378 -16.66 9.89 1.80
N ASP B 379 -15.93 10.94 2.16
CA ASP B 379 -14.65 11.15 1.51
C ASP B 379 -13.57 10.30 2.19
N HIS B 380 -12.43 10.16 1.53
CA HIS B 380 -11.40 9.26 2.02
C HIS B 380 -10.72 9.75 3.31
N HIS B 381 -10.80 11.05 3.61
CA HIS B 381 -10.27 11.54 4.89
C HIS B 381 -11.16 11.11 6.04
N ALA B 382 -12.45 11.43 5.95
CA ALA B 382 -13.36 11.06 7.03
C ALA B 382 -13.43 9.53 7.18
N ALA B 383 -13.36 8.78 6.07
CA ALA B 383 -13.48 7.33 6.20
C ALA B 383 -12.25 6.71 6.85
N THR B 384 -11.05 7.20 6.51
CA THR B 384 -9.85 6.65 7.16
C THR B 384 -9.73 7.11 8.60
N ALA B 385 -10.21 8.31 8.92
CA ALA B 385 -10.23 8.75 10.32
C ALA B 385 -11.13 7.85 11.16
N SER B 386 -12.28 7.47 10.62
CA SER B 386 -13.15 6.56 11.36
C SER B 386 -12.56 5.15 11.43
N PHE B 387 -11.85 4.71 10.39
CA PHE B 387 -11.20 3.41 10.49
C PHE B 387 -10.16 3.40 11.61
N MET B 388 -9.45 4.51 11.83
CA MET B 388 -8.51 4.56 12.94
C MET B 388 -9.24 4.38 14.27
N LYS B 389 -10.41 5.00 14.41
CA LYS B 389 -11.21 4.79 15.60
C LYS B 389 -11.64 3.33 15.72
N HIS B 390 -11.99 2.71 14.59
CA HIS B 390 -12.35 1.30 14.60
C HIS B 390 -11.20 0.46 15.12
N LEU B 391 -9.97 0.75 14.67
CA LEU B 391 -8.79 0.03 15.13
C LEU B 391 -8.65 0.13 16.64
N GLU B 392 -8.85 1.34 17.19
CA GLU B 392 -8.76 1.51 18.64
C GLU B 392 -9.85 0.71 19.35
N ASN B 393 -11.09 0.76 18.85
CA ASN B 393 -12.17 -0.01 19.46
C ASN B 393 -11.86 -1.49 19.45
N GLU B 394 -11.32 -1.99 18.33
CA GLU B 394 -11.12 -3.43 18.17
C GLU B 394 -9.94 -3.94 18.98
N GLN B 395 -8.92 -3.10 19.17
CA GLN B 395 -7.84 -3.47 20.08
C GLN B 395 -8.38 -3.76 21.48
N LYS B 396 -9.29 -2.91 21.98
CA LYS B 396 -9.87 -3.12 23.30
C LYS B 396 -10.85 -4.28 23.31
N ALA B 397 -11.67 -4.40 22.28
CA ALA B 397 -12.73 -5.41 22.25
C ALA B 397 -12.17 -6.81 22.02
N ARG B 398 -11.15 -6.94 21.17
CA ARG B 398 -10.73 -8.24 20.66
C ARG B 398 -9.22 -8.43 20.65
N GLY B 399 -8.42 -7.41 20.92
CA GLY B 399 -6.99 -7.60 20.90
C GLY B 399 -6.38 -7.54 19.53
N GLY B 400 -7.09 -6.97 18.56
CA GLY B 400 -6.49 -6.72 17.27
C GLY B 400 -7.57 -6.54 16.23
N CYS B 401 -7.13 -6.47 14.98
CA CYS B 401 -8.07 -6.25 13.90
C CYS B 401 -7.41 -6.60 12.57
N PRO B 402 -7.90 -7.59 11.82
CA PRO B 402 -7.28 -7.89 10.52
C PRO B 402 -7.54 -6.76 9.54
N ALA B 403 -6.46 -6.33 8.89
CA ALA B 403 -6.52 -5.19 7.99
C ALA B 403 -5.48 -5.39 6.91
N ASP B 404 -5.87 -5.11 5.67
CA ASP B 404 -5.00 -5.23 4.49
C ASP B 404 -4.58 -3.82 4.10
N TRP B 405 -3.31 -3.48 4.39
CA TRP B 405 -2.85 -2.09 4.25
C TRP B 405 -3.08 -1.54 2.85
N ALA B 406 -2.76 -2.32 1.82
CA ALA B 406 -2.90 -1.85 0.44
C ALA B 406 -4.33 -1.49 0.07
N TRP B 407 -5.33 -2.12 0.68
CA TRP B 407 -6.73 -1.82 0.36
C TRP B 407 -7.34 -0.81 1.31
N ILE B 408 -6.77 -0.64 2.50
CA ILE B 408 -7.28 0.35 3.45
C ILE B 408 -6.82 1.76 3.07
N VAL B 409 -5.55 1.89 2.68
CA VAL B 409 -4.99 3.17 2.21
C VAL B 409 -5.68 3.57 0.91
N PRO B 410 -6.31 4.74 0.84
CA PRO B 410 -7.07 5.13 -0.37
C PRO B 410 -6.16 5.30 -1.58
N PRO B 411 -6.71 5.24 -2.79
CA PRO B 411 -5.87 5.25 -3.99
C PRO B 411 -5.42 6.64 -4.45
N ILE B 412 -5.87 7.73 -3.84
CA ILE B 412 -5.23 9.03 -3.98
C ILE B 412 -4.87 9.52 -2.58
N SER B 413 -3.82 10.34 -2.51
CA SER B 413 -3.43 11.03 -1.29
C SER B 413 -3.22 10.08 -0.11
N GLY B 414 -2.61 8.91 -0.39
CA GLY B 414 -2.36 7.92 0.64
C GLY B 414 -1.80 8.44 1.95
N SER B 415 -0.66 9.12 1.90
CA SER B 415 0.02 9.50 3.13
C SER B 415 -0.58 10.72 3.80
N LEU B 416 -1.54 11.39 3.15
CA LEU B 416 -2.34 12.43 3.81
C LEU B 416 -3.38 11.85 4.74
N THR B 417 -3.59 10.49 4.74
CA THR B 417 -4.56 9.86 5.64
C THR B 417 -3.85 9.15 6.78
N PRO B 418 -4.48 9.03 7.95
CA PRO B 418 -3.79 8.42 9.10
C PRO B 418 -3.43 6.95 8.90
N VAL B 419 -4.20 6.20 8.10
CA VAL B 419 -3.94 4.76 7.97
C VAL B 419 -2.60 4.49 7.29
N PHE B 420 -2.08 5.44 6.49
CA PHE B 420 -0.82 5.22 5.79
C PHE B 420 0.29 4.88 6.78
N HIS B 421 0.31 5.58 7.92
CA HIS B 421 1.36 5.50 8.91
C HIS B 421 1.11 4.41 9.95
N GLN B 422 0.05 3.62 9.77
CA GLN B 422 -0.36 2.57 10.69
C GLN B 422 0.09 1.22 10.14
N GLU B 423 0.92 0.50 10.89
CA GLU B 423 1.21 -0.88 10.54
C GLU B 423 -0.04 -1.73 10.76
N MET B 424 -0.21 -2.75 9.91
CA MET B 424 -1.40 -3.59 9.96
C MET B 424 -1.01 -5.05 9.83
N VAL B 425 -1.83 -5.91 10.46
CA VAL B 425 -1.67 -7.36 10.39
C VAL B 425 -2.84 -7.92 9.60
N ASN B 426 -2.55 -8.69 8.56
CA ASN B 426 -3.60 -9.25 7.70
C ASN B 426 -3.73 -10.75 7.98
N TYR B 427 -4.95 -11.18 8.28
CA TYR B 427 -5.24 -12.59 8.53
C TYR B 427 -6.73 -12.83 8.34
N PHE B 428 -7.10 -14.11 8.29
CA PHE B 428 -8.44 -14.53 7.92
C PHE B 428 -9.14 -15.08 9.16
N LEU B 429 -10.21 -14.41 9.59
CA LEU B 429 -11.11 -14.92 10.61
C LEU B 429 -12.43 -15.36 9.97
N SER B 430 -13.19 -16.15 10.72
CA SER B 430 -14.52 -16.60 10.38
C SER B 430 -15.48 -16.18 11.49
N PRO B 431 -16.75 -15.82 11.17
CA PRO B 431 -17.43 -15.68 9.87
C PRO B 431 -16.71 -14.76 8.89
N ALA B 432 -16.95 -14.94 7.59
CA ALA B 432 -16.17 -14.20 6.61
C ALA B 432 -16.93 -14.09 5.30
N PHE B 433 -16.66 -13.01 4.55
CA PHE B 433 -17.01 -12.92 3.13
C PHE B 433 -15.82 -13.43 2.31
N ARG B 434 -16.08 -14.35 1.39
CA ARG B 434 -15.04 -14.99 0.59
C ARG B 434 -15.28 -14.76 -0.89
N TYR B 435 -14.20 -14.66 -1.66
CA TYR B 435 -14.35 -14.77 -3.10
C TYR B 435 -14.82 -16.17 -3.46
N GLN B 436 -15.52 -16.28 -4.59
CA GLN B 436 -15.97 -17.57 -5.09
C GLN B 436 -15.96 -17.53 -6.60
N PRO B 437 -15.86 -18.70 -7.26
CA PRO B 437 -15.82 -18.72 -8.73
C PRO B 437 -17.11 -18.17 -9.33
N ASP B 438 -16.98 -17.60 -10.52
CA ASP B 438 -18.15 -17.17 -11.27
C ASP B 438 -19.06 -18.37 -11.53
N PRO B 439 -20.38 -18.21 -11.47
CA PRO B 439 -21.29 -19.37 -11.57
C PRO B 439 -21.34 -19.98 -12.96
N TRP B 440 -20.86 -19.28 -13.98
CA TRP B 440 -20.85 -19.84 -15.33
C TRP B 440 -19.55 -20.59 -15.56
CHA HEM C . 14.36 3.69 -1.19
CHB HEM C . 14.13 6.60 -5.07
CHC HEM C . 18.87 5.90 -5.75
CHD HEM C . 18.93 2.47 -2.33
C1A HEM C . 13.92 4.65 -2.08
C2A HEM C . 12.68 5.42 -2.00
C3A HEM C . 12.61 6.23 -3.06
C4A HEM C . 13.80 6.01 -3.88
CMA HEM C . 11.48 7.26 -3.40
CAA HEM C . 11.66 5.31 -0.84
CBA HEM C . 12.38 5.72 0.44
CGA HEM C . 11.48 6.23 1.52
O1A HEM C . 10.36 6.71 1.17
O2A HEM C . 11.89 6.15 2.71
C1B HEM C . 15.41 6.66 -5.60
C2B HEM C . 15.83 7.47 -6.73
C3B HEM C . 17.13 7.28 -6.94
C4B HEM C . 17.59 6.33 -5.92
CMB HEM C . 14.92 8.38 -7.58
CAB HEM C . 17.95 7.98 -8.05
CBB HEM C . 19.16 7.59 -8.44
C1C HEM C . 19.32 4.96 -4.86
C2C HEM C . 20.70 4.52 -4.71
C3C HEM C . 20.71 3.56 -3.75
C4C HEM C . 19.34 3.36 -3.30
CMC HEM C . 21.89 5.10 -5.48
CAC HEM C . 21.91 2.74 -3.20
CBC HEM C . 23.00 2.48 -3.91
C1D HEM C . 17.70 2.50 -1.71
C2D HEM C . 17.29 1.70 -0.58
C3D HEM C . 16.04 2.03 -0.23
C4D HEM C . 15.59 3.06 -1.16
CMD HEM C . 18.20 0.67 0.11
CAD HEM C . 15.23 1.38 0.93
CBD HEM C . 14.62 2.46 1.83
CGD HEM C . 14.41 1.94 3.21
O1D HEM C . 14.47 0.70 3.41
O2D HEM C . 14.17 2.78 4.12
NA HEM C . 14.57 5.05 -3.24
NB HEM C . 16.50 5.97 -5.12
NC HEM C . 18.52 4.24 -3.99
ND HEM C . 16.63 3.31 -2.05
FE HEM C . 16.44 4.36 -3.82
N1 H4B D . 6.48 4.12 1.40
C2 H4B D . 7.61 4.85 1.21
N2 H4B D . 8.13 5.07 -0.05
N3 H4B D . 8.24 5.38 2.28
C4 H4B D . 7.78 5.20 3.54
O4 H4B D . 8.40 5.72 4.50
C4A H4B D . 6.64 4.43 3.74
C8A H4B D . 5.99 3.90 2.63
N5 H4B D . 6.13 4.22 4.98
N8 H4B D . 4.87 3.16 2.78
C6 H4B D . 5.35 3.01 5.13
C7 H4B D . 4.24 2.96 4.08
C9 H4B D . 4.83 2.77 6.56
O9 H4B D . 4.62 3.99 7.25
C10 H4B D . 3.58 1.89 6.56
C11 H4B D . 3.05 1.62 7.97
O10 H4B D . 3.86 0.63 5.94
C02 V5G E . 16.19 8.95 -2.96
C03 V5G E . 17.37 8.29 -3.31
C04 V5G E . 18.19 7.81 -2.29
C05 V5G E . 17.82 8.00 -0.96
C06 V5G E . 16.62 8.65 -0.67
C07 V5G E . 16.16 8.91 0.75
C08 V5G E . 15.04 7.96 1.18
C09 V5G E . 15.74 6.79 1.82
C10 V5G E . 16.30 5.81 1.01
C11 V5G E . 16.96 4.73 1.59
C12 V5G E . 17.06 4.64 2.97
C13 V5G E . 16.51 5.62 3.78
C15 V5G E . 16.93 4.33 5.86
C16 V5G E . 16.66 4.58 7.33
C17 V5G E . 15.93 5.70 7.75
C18 V5G E . 15.69 5.92 9.11
C19 V5G E . 16.17 5.03 10.06
C20 V5G E . 15.94 5.23 11.42
C21 V5G E . 16.44 4.29 12.34
C22 V5G E . 17.16 3.19 11.87
C25 V5G E . 16.90 3.91 9.64
C26 V5G E . 17.13 3.69 8.29
C27 V5G E . 15.86 6.71 3.21
N01 V5G E . 15.35 9.42 -3.91
N23 V5G E . 17.67 2.26 12.73
N24 V5G E . 17.38 3.03 10.54
N28 V5G E . 15.86 9.09 -1.67
O14 V5G E . 16.64 5.54 5.15
C02 V5G F . -13.97 30.83 7.24
C03 V5G F . -14.39 29.69 7.90
C04 V5G F . -13.55 29.04 8.78
C05 V5G F . -12.27 29.54 8.99
C06 V5G F . -11.89 30.69 8.30
C07 V5G F . -10.50 31.24 8.51
C08 V5G F . -9.75 31.19 7.18
C09 V5G F . -8.29 31.21 7.53
C10 V5G F . -7.86 30.52 8.66
C11 V5G F . -6.51 30.53 9.00
C12 V5G F . -5.61 31.28 8.25
C13 V5G F . -6.04 31.98 7.12
C15 V5G F . -5.59 33.02 5.05
C16 V5G F . -4.55 33.63 4.15
C17 V5G F . -3.28 34.05 4.56
C18 V5G F . -2.41 34.62 3.61
C19 V5G F . -2.81 34.77 2.28
C20 V5G F . -1.99 35.31 1.31
C21 V5G F . -2.46 35.43 -0.01
C22 V5G F . -3.75 34.98 -0.33
C25 V5G F . -4.08 34.34 1.90
C26 V5G F . -4.93 33.78 2.84
C27 V5G F . -7.39 31.95 6.77
N01 V5G F . -14.79 31.47 6.37
N23 V5G F . -4.25 35.07 -1.59
N24 V5G F . -4.53 34.45 0.63
N28 V5G F . -12.72 31.31 7.44
O14 V5G F . -5.16 32.70 6.36
C ACT G . -6.11 37.19 2.34
O ACT G . -5.08 37.81 1.99
OXT ACT G . -6.92 36.73 1.50
CH3 ACT G . -6.34 36.94 3.80
C ACT H . 14.59 7.61 -11.97
O ACT H . 13.76 6.97 -12.64
OXT ACT H . 14.84 8.81 -12.21
CH3 ACT H . 15.40 6.92 -10.92
C1 BTB I . -6.49 21.65 12.41
O1 BTB I . -5.38 21.99 13.25
C2 BTB I . -7.39 22.87 12.12
C3 BTB I . -6.61 24.19 12.11
O3 BTB I . -5.38 24.16 12.83
C4 BTB I . -8.05 22.63 10.78
O4 BTB I . -9.04 21.59 10.88
N BTB I . -8.50 22.95 13.11
C5 BTB I . -8.86 24.34 13.45
C6 BTB I . -10.01 24.81 12.57
O6 BTB I . -9.44 25.42 11.40
C7 BTB I . -8.25 22.18 14.34
C8 BTB I . -7.67 23.08 15.45
O8 BTB I . -6.34 23.47 15.11
ZN ZN J . 3.02 -10.98 3.61
C1 GOL K . 42.29 9.31 21.58
O1 GOL K . 43.50 9.67 20.97
C2 GOL K . 42.43 7.89 22.10
O2 GOL K . 42.21 7.01 21.02
C3 GOL K . 41.35 7.66 23.13
O3 GOL K . 40.14 7.98 22.51
C1 GOL L . 34.55 -0.58 21.74
O1 GOL L . 35.03 -1.29 20.63
C2 GOL L . 35.43 -0.96 22.92
O2 GOL L . 34.85 -2.06 23.60
C3 GOL L . 35.54 0.23 23.85
O3 GOL L . 35.91 1.35 23.07
CHA HEM M . -14.38 -3.45 0.75
CHB HEM M . -15.97 0.92 2.15
CHC HEM M . -19.96 -1.21 3.94
CHD HEM M . -17.99 -5.58 3.19
C1A HEM M . -14.48 -2.07 0.85
C2A HEM M . -13.70 -1.06 0.15
C3A HEM M . -14.15 0.15 0.52
C4A HEM M . -15.23 -0.04 1.48
CMA HEM M . -13.58 1.51 0.04
CAA HEM M . -12.57 -1.33 -0.86
CBA HEM M . -13.31 -1.45 -2.18
CGA HEM M . -12.39 -1.49 -3.37
O1A HEM M . -11.56 -0.55 -3.49
O2A HEM M . -12.51 -2.45 -4.19
C1B HEM M . -17.21 0.77 2.76
C2B HEM M . -18.05 1.81 3.29
C3B HEM M . -19.14 1.25 3.81
C4B HEM M . -19.05 -0.20 3.62
CMB HEM M . -17.70 3.31 3.28
CAB HEM M . -20.31 2.02 4.49
CBB HEM M . -21.24 1.42 5.23
C1C HEM M . -19.82 -2.58 3.88
C2C HEM M . -20.78 -3.58 4.31
C3C HEM M . -20.24 -4.81 4.08
C4C HEM M . -18.90 -4.61 3.55
CMC HEM M . -22.18 -3.24 4.85
CAC HEM M . -20.82 -6.22 4.37
CBC HEM M . -21.81 -6.44 5.26
C1D HEM M . -16.83 -5.44 2.47
C2D HEM M . -15.93 -6.48 2.05
C3D HEM M . -14.92 -5.90 1.37
C4D HEM M . -15.15 -4.45 1.34
CMD HEM M . -16.15 -7.99 2.32
CAD HEM M . -13.72 -6.64 0.74
CBD HEM M . -13.94 -6.77 -0.75
CGD HEM M . -12.85 -7.55 -1.40
O1D HEM M . -12.11 -8.25 -0.67
O2D HEM M . -12.76 -7.44 -2.65
NA HEM M . -15.38 -1.40 1.61
NB HEM M . -17.85 -0.40 2.99
NC HEM M . -18.70 -3.26 3.43
ND HEM M . -16.30 -4.25 2.02
FE HEM M . -16.86 -2.34 2.84
N1 H4B N . -7.12 -1.08 -3.08
C2 H4B N . -8.46 -0.96 -3.23
N2 H4B N . -9.16 -0.24 -2.31
N3 H4B N . -9.09 -1.57 -4.27
C4 H4B N . -8.40 -2.29 -5.19
O4 H4B N . -9.02 -2.83 -6.13
C4A H4B N . -7.03 -2.42 -5.03
C8A H4B N . -6.41 -1.79 -3.96
N5 H4B N . -6.28 -3.13 -5.91
N8 H4B N . -5.08 -1.88 -3.76
C6 H4B N . -4.98 -3.63 -5.43
C7 H4B N . -4.18 -2.57 -4.67
C9 H4B N . -4.14 -4.30 -6.54
O9 H4B N . -4.35 -3.65 -7.80
C10 H4B N . -2.63 -4.33 -6.20
C11 H4B N . -1.86 -5.10 -7.26
O10 H4B N . -2.39 -4.94 -4.93
C02 V5G O . -18.60 0.36 -0.60
C03 V5G O . -19.39 -0.43 0.24
C04 V5G O . -19.72 -1.70 -0.18
C05 V5G O . -19.27 -2.16 -1.42
C06 V5G O . -18.48 -1.34 -2.22
C07 V5G O . -18.00 -1.82 -3.57
C08 V5G O . -16.52 -2.19 -3.53
C09 V5G O . -16.50 -3.66 -3.23
C10 V5G O . -16.67 -4.07 -1.92
C11 V5G O . -16.68 -5.43 -1.63
C12 V5G O . -16.52 -6.37 -2.65
C13 V5G O . -16.35 -5.95 -3.97
C15 V5G O . -15.85 -8.22 -4.73
C16 V5G O . -15.49 -8.87 -6.05
C17 V5G O . -15.26 -8.10 -7.18
C18 V5G O . -14.93 -8.70 -8.40
C19 V5G O . -14.83 -10.09 -8.49
C20 V5G O . -14.51 -10.71 -9.68
C21 V5G O . -14.41 -12.11 -9.73
C22 V5G O . -14.65 -12.84 -8.56
C25 V5G O . -15.07 -10.86 -7.34
C26 V5G O . -15.39 -10.26 -6.13
C27 V5G O . -16.35 -4.58 -4.26
N01 V5G O . -18.27 1.62 -0.21
N23 V5G O . -14.58 -14.20 -8.57
N24 V5G O . -14.97 -12.22 -7.41
N28 V5G O . -18.16 -0.11 -1.79
O14 V5G O . -16.21 -6.87 -4.97
C ACT P . -17.73 5.67 7.16
O ACT P . -17.22 6.59 7.85
OXT ACT P . -18.75 5.84 6.46
CH3 ACT P . -16.97 4.38 7.01
C1 BTB Q . -17.22 32.53 -10.53
O1 BTB Q . -16.03 33.28 -10.26
C2 BTB Q . -16.85 31.17 -11.11
C3 BTB Q . -15.56 30.65 -10.45
O3 BTB Q . -15.07 29.50 -11.15
C4 BTB Q . -17.95 30.21 -10.71
O4 BTB Q . -17.65 28.98 -11.35
N BTB Q . -16.70 31.19 -12.60
C5 BTB Q . -15.48 31.88 -13.08
C6 BTB Q . -15.12 31.54 -14.53
O6 BTB Q . -14.61 30.20 -14.70
C7 BTB Q . -17.90 31.71 -13.29
C8 BTB Q . -18.65 30.59 -14.02
O8 BTB Q . -17.75 29.86 -14.89
GD GD R . -16.07 28.58 -13.30
#